data_5JO4
#
_entry.id   5JO4
#
_cell.length_a   143.160
_cell.length_b   50.780
_cell.length_c   139.740
_cell.angle_alpha   90.00
_cell.angle_beta   90.90
_cell.angle_gamma   90.00
#
_symmetry.space_group_name_H-M   'C 1 2 1'
#
loop_
_entity.id
_entity.type
_entity.pdbx_description
1 polymer 'D80 Fab Heavy Chain'
2 polymer 'D80 Fab Light Chain'
3 polymer 'G6 Fab Heavy Chain'
4 polymer 'G6 Fab Light Chain'
5 non-polymer 'SULFATE ION'
6 water water
#
loop_
_entity_poly.entity_id
_entity_poly.type
_entity_poly.pdbx_seq_one_letter_code
_entity_poly.pdbx_strand_id
1 'polypeptide(L)'
;QVQLVQSGAEVKKPGSSVKVSCRASGGTGGTFSAYAFTWVRQAPGQGLEWMGGITGMFGTANYAQKFQGRVTITADELTS
TAYMELSSLTSEDTALYYCARGLYYYESSLDYWGQGTLVTVSSASTKGPSVFPLAPSSKSTSGGTAALGCLVKDYFPEPV
TVSWNSGALTSGVHTFPAVLQSSGLYSLSSVVTVPSSSLGTQTYICNVNHKPSNTKVDKRVEPKSCDK
;
A
2 'polypeptide(L)'
;EIVLTQSPGTLSLSPGERATLSCRASQSLSSKYLAWYQQKPGQAPRLLIYGASSRATGIPDRFSGSGSGTDFTLTISRLE
PEDFAVYSCQQYDGVPRTFGQGTTVEIKRTVAAPSVFIFPPSDEQLKSGTASVVCLLNNFYPREAKVQWKVDNALQSGNS
QESVTEQDSKDSTYSLSSTLTLSKADYEKHKVYACEVTHQGLSSPVTKSFNRGEC
;
B
3 'polypeptide(L)'
;QLVQSGAEVVKPGASVKVSCKASGYTFTSYWMHWVKQAPGQGLEWIGAVSPGNSDTSYNEKFKGKATLTVDKSASTAYME
LSSLRSEDTAVYYCTRSRYGNNALDYWGQGTLVTVSSASTKGPSVFPLAPSSKSTSGGTAALGCLVKDYFPEPVTVSWNS
GALTSGVHTFPAVLQSSGLYSLSSVVTVPSSSLGTQTYICNVNHKPSNTKVDKRVEPKSCDK
;
C
4 'polypeptide(L)'
;DIQLTQSPSSLSASVGDRVTITCRASQGISSNIVWLQQKPGKAPKGLIYHGTNLESGVPSRFSGSGSGTDYTLTISSLEP
EDFATYYCVQYSQFPPTFGQGTKLEIKRTVAAPSVFIFPPSDEQLKSGTASVVCLLNNFYPREAKVQWKVDNALQSGNSQ
ESVTEQDSKDSTYSLSSTLTLSKADYEKHKVYACEVTHQGLSSPVTKSFNRGEC
;
D
#
# COMPACT_ATOMS: atom_id res chain seq x y z
N GLN A 1 -0.22 -26.10 -3.05
CA GLN A 1 -1.30 -26.26 -2.08
C GLN A 1 -1.01 -25.38 -0.92
N VAL A 2 -1.19 -24.07 -1.14
CA VAL A 2 -1.08 -23.08 -0.11
C VAL A 2 -2.08 -23.38 0.99
N GLN A 3 -1.62 -23.57 2.21
CA GLN A 3 -2.59 -23.80 3.25
C GLN A 3 -2.40 -22.80 4.37
N LEU A 4 -3.51 -22.23 4.86
CA LEU A 4 -3.46 -21.26 5.96
C LEU A 4 -4.31 -21.76 7.10
N VAL A 5 -3.69 -21.96 8.25
CA VAL A 5 -4.39 -22.53 9.40
C VAL A 5 -4.51 -21.51 10.51
N GLN A 6 -5.74 -21.13 10.86
CA GLN A 6 -5.91 -20.12 11.90
C GLN A 6 -6.19 -20.75 13.25
N SER A 7 -5.84 -20.03 14.32
CA SER A 7 -6.26 -20.43 15.65
C SER A 7 -7.78 -20.54 15.81
N GLY A 8 -8.17 -21.15 16.93
CA GLY A 8 -9.54 -21.53 17.14
C GLY A 8 -10.41 -20.42 17.69
N ALA A 9 -11.71 -20.71 17.78
CA ALA A 9 -12.69 -19.71 18.17
C ALA A 9 -12.40 -19.23 19.57
N GLU A 10 -12.76 -17.98 19.83
CA GLU A 10 -12.58 -17.43 21.15
C GLU A 10 -13.82 -16.66 21.54
N VAL A 11 -14.11 -16.63 22.83
CA VAL A 11 -15.14 -15.76 23.36
C VAL A 11 -14.47 -14.84 24.37
N LYS A 12 -14.72 -13.55 24.23
CA LYS A 12 -13.99 -12.55 25.02
C LYS A 12 -14.94 -11.55 25.62
N LYS A 13 -14.62 -11.10 26.83
CA LYS A 13 -15.43 -10.12 27.51
C LYS A 13 -15.09 -8.76 26.92
N PRO A 14 -16.05 -7.81 26.93
CA PRO A 14 -15.75 -6.45 26.46
C PRO A 14 -14.47 -5.85 27.10
N GLY A 15 -13.88 -4.84 26.47
CA GLY A 15 -12.66 -4.25 26.95
C GLY A 15 -11.39 -5.09 26.82
N SER A 16 -11.55 -6.41 26.67
CA SER A 16 -10.41 -7.29 26.52
C SER A 16 -9.77 -7.24 25.12
N SER A 17 -8.88 -8.17 24.85
CA SER A 17 -8.17 -8.12 23.58
C SER A 17 -7.97 -9.55 23.07
N VAL A 18 -7.94 -9.72 21.76
CA VAL A 18 -7.83 -11.05 21.16
C VAL A 18 -6.71 -11.09 20.17
N LYS A 19 -5.88 -12.12 20.24
CA LYS A 19 -4.81 -12.25 19.24
C LYS A 19 -5.05 -13.52 18.43
N VAL A 20 -5.59 -13.35 17.22
CA VAL A 20 -5.78 -14.44 16.28
C VAL A 20 -4.49 -14.70 15.51
N SER A 21 -4.14 -15.98 15.35
CA SER A 21 -2.95 -16.41 14.56
C SER A 21 -3.32 -17.10 13.25
N CYS A 22 -2.35 -17.18 12.36
CA CYS A 22 -2.56 -17.74 11.04
C CYS A 22 -1.30 -18.41 10.55
N ARG A 23 -1.27 -19.74 10.49
CA ARG A 23 -0.01 -20.37 10.19
C ARG A 23 0.01 -20.85 8.76
N ALA A 24 1.02 -20.36 8.03
CA ALA A 24 1.24 -20.74 6.65
C ALA A 24 1.88 -22.11 6.52
N SER A 25 1.06 -23.14 6.47
CA SER A 25 1.51 -24.42 5.92
C SER A 25 1.50 -24.35 4.37
N GLY A 26 1.69 -25.48 3.70
CA GLY A 26 1.62 -25.50 2.26
C GLY A 26 2.89 -25.96 1.57
N GLY A 27 2.73 -26.94 0.67
CA GLY A 27 3.83 -27.49 -0.11
C GLY A 27 4.30 -26.56 -1.23
N THR A 28 3.42 -25.69 -1.68
CA THR A 28 3.79 -24.66 -2.65
C THR A 28 3.67 -23.32 -1.95
N GLY A 29 3.72 -23.36 -0.61
CA GLY A 29 3.65 -22.17 0.22
C GLY A 29 4.68 -21.12 -0.13
N GLY A 30 5.93 -21.55 -0.25
CA GLY A 30 7.02 -20.68 -0.66
C GLY A 30 7.58 -19.87 0.49
N THR A 31 8.44 -18.93 0.18
CA THR A 31 9.02 -18.02 1.16
C THR A 31 7.94 -17.21 1.88
N PHE A 32 7.67 -17.52 3.14
CA PHE A 32 6.64 -16.84 3.90
C PHE A 32 6.85 -15.33 3.83
N SER A 33 8.11 -14.90 3.87
CA SER A 33 8.42 -13.48 3.96
C SER A 33 8.23 -12.74 2.65
N ALA A 34 7.88 -13.47 1.61
CA ALA A 34 7.74 -12.88 0.29
C ALA A 34 6.33 -12.37 0.06
N TYR A 35 5.37 -12.77 0.89
CA TYR A 35 3.96 -12.43 0.59
C TYR A 35 3.31 -11.57 1.65
N ALA A 36 2.35 -10.75 1.22
CA ALA A 36 1.58 -9.88 2.11
C ALA A 36 0.46 -10.67 2.64
N PHE A 37 0.35 -10.73 3.96
CA PHE A 37 -0.76 -11.45 4.60
C PHE A 37 -1.83 -10.47 5.05
N THR A 38 -3.08 -10.72 4.65
CA THR A 38 -4.17 -9.74 4.86
C THR A 38 -5.17 -10.25 5.86
N TRP A 39 -5.67 -9.35 6.69
CA TRP A 39 -6.75 -9.70 7.63
C TRP A 39 -8.04 -9.02 7.24
N VAL A 40 -9.12 -9.78 7.23
CA VAL A 40 -10.42 -9.23 6.89
C VAL A 40 -11.34 -9.91 7.83
N ARG A 41 -12.45 -9.25 8.17
CA ARG A 41 -13.46 -9.85 9.00
C ARG A 41 -14.86 -9.75 8.40
N GLN A 42 -15.79 -10.53 8.95
CA GLN A 42 -17.16 -10.35 8.56
C GLN A 42 -18.11 -10.43 9.70
N ALA A 43 -18.53 -9.26 10.15
CA ALA A 43 -19.58 -9.13 11.15
C ALA A 43 -20.89 -9.61 10.55
N PRO A 44 -21.76 -10.24 11.38
CA PRO A 44 -23.08 -10.64 10.91
C PRO A 44 -23.90 -9.45 10.45
N GLY A 45 -24.32 -9.46 9.18
CA GLY A 45 -25.07 -8.37 8.61
C GLY A 45 -24.25 -7.43 7.76
N GLN A 46 -22.92 -7.51 7.88
CA GLN A 46 -22.09 -6.55 7.18
C GLN A 46 -21.44 -7.19 5.96
N GLY A 47 -20.89 -6.34 5.11
CA GLY A 47 -19.99 -6.81 4.07
C GLY A 47 -18.66 -7.25 4.67
N LEU A 48 -17.82 -7.87 3.85
CA LEU A 48 -16.45 -8.12 4.23
C LEU A 48 -15.77 -6.79 4.56
N GLU A 49 -14.91 -6.81 5.57
CA GLU A 49 -14.26 -5.56 5.93
C GLU A 49 -12.76 -5.70 6.02
N TRP A 50 -12.02 -4.81 5.35
CA TRP A 50 -10.56 -4.85 5.46
C TRP A 50 -10.04 -4.27 6.77
N MET A 51 -9.17 -5.01 7.45
CA MET A 51 -8.58 -4.52 8.68
C MET A 51 -7.16 -4.02 8.53
N GLY A 52 -6.42 -4.67 7.65
CA GLY A 52 -5.06 -4.26 7.38
C GLY A 52 -4.30 -5.48 6.88
N GLY A 53 -3.07 -5.27 6.47
CA GLY A 53 -2.21 -6.38 6.20
C GLY A 53 -0.75 -6.05 6.45
N ILE A 54 0.05 -7.11 6.47
CA ILE A 54 1.47 -6.97 6.71
C ILE A 54 2.17 -7.32 5.40
N THR A 55 3.02 -6.43 4.90
CA THR A 55 3.65 -6.64 3.61
C THR A 55 4.76 -7.69 3.64
N GLY A 56 5.03 -8.33 2.50
CA GLY A 56 6.22 -9.13 2.38
C GLY A 56 7.48 -8.30 2.15
N MET A 57 8.66 -8.94 2.18
CA MET A 57 9.98 -8.27 2.11
C MET A 57 10.18 -7.38 3.31
N PHE A 58 9.64 -6.16 3.25
CA PHE A 58 9.46 -5.33 4.45
C PHE A 58 8.48 -6.16 5.23
N GLY A 59 8.48 -6.08 6.53
CA GLY A 59 7.52 -6.92 7.23
C GLY A 59 6.75 -6.00 8.13
N THR A 60 6.22 -4.95 7.52
CA THR A 60 5.52 -3.96 8.30
C THR A 60 4.08 -3.83 7.81
N ALA A 61 3.24 -3.26 8.66
CA ALA A 61 1.79 -3.25 8.50
C ALA A 61 1.27 -1.96 7.90
N ASN A 62 0.15 -2.07 7.19
CA ASN A 62 -0.69 -0.96 6.81
C ASN A 62 -2.05 -1.18 7.45
N TYR A 63 -2.73 -0.11 7.86
CA TYR A 63 -3.99 -0.23 8.57
C TYR A 63 -5.11 0.63 8.02
N ALA A 64 -6.33 0.13 8.17
CA ALA A 64 -7.53 0.93 7.95
C ALA A 64 -7.63 1.97 9.09
N GLN A 65 -7.88 3.23 8.76
CA GLN A 65 -7.90 4.27 9.81
C GLN A 65 -8.89 3.94 10.92
N LYS A 66 -10.08 3.47 10.54
CA LYS A 66 -11.02 2.81 11.46
C LYS A 66 -10.36 1.97 12.58
N PHE A 67 -9.28 1.25 12.26
CA PHE A 67 -8.70 0.38 13.28
C PHE A 67 -7.30 0.86 13.71
N GLN A 68 -6.82 1.94 13.11
CA GLN A 68 -5.50 2.50 13.47
C GLN A 68 -5.33 2.56 15.00
N GLY A 69 -4.30 1.87 15.47
CA GLY A 69 -4.07 1.75 16.89
C GLY A 69 -4.84 0.63 17.53
N ARG A 70 -6.07 0.43 17.10
CA ARG A 70 -6.83 -0.60 17.79
C ARG A 70 -6.37 -2.00 17.39
N VAL A 71 -5.89 -2.13 16.16
CA VAL A 71 -5.45 -3.39 15.60
C VAL A 71 -3.94 -3.34 15.46
N THR A 72 -3.28 -4.45 15.74
CA THR A 72 -1.84 -4.59 15.47
C THR A 72 -1.67 -5.85 14.65
N ILE A 73 -0.93 -5.75 13.57
CA ILE A 73 -0.70 -6.91 12.71
C ILE A 73 0.79 -7.15 12.64
N THR A 74 1.18 -8.33 13.07
CA THR A 74 2.59 -8.68 13.10
C THR A 74 2.76 -10.03 12.45
N ALA A 75 4.02 -10.43 12.27
CA ALA A 75 4.35 -11.73 11.67
C ALA A 75 5.60 -12.30 12.26
N ASP A 76 5.63 -13.62 12.28
CA ASP A 76 6.72 -14.34 12.88
C ASP A 76 7.32 -15.17 11.75
N GLU A 77 8.33 -14.63 11.10
CA GLU A 77 9.03 -15.31 10.01
C GLU A 77 9.46 -16.72 10.39
N LEU A 78 9.86 -16.89 11.63
CA LEU A 78 10.42 -18.16 12.05
C LEU A 78 9.41 -19.29 11.92
N THR A 79 8.19 -19.02 12.37
CA THR A 79 7.17 -20.04 12.45
C THR A 79 6.16 -19.91 11.33
N SER A 80 6.46 -19.06 10.33
CA SER A 80 5.51 -18.73 9.26
C SER A 80 4.10 -18.44 9.73
N THR A 81 3.98 -17.64 10.78
CA THR A 81 2.68 -17.33 11.34
C THR A 81 2.45 -15.83 11.31
N ALA A 82 1.24 -15.43 10.89
CA ALA A 82 0.84 -14.04 10.87
C ALA A 82 -0.14 -13.88 12.01
N TYR A 83 -0.16 -12.70 12.62
CA TYR A 83 -1.07 -12.47 13.73
C TYR A 83 -1.80 -11.16 13.56
N MET A 84 -2.99 -11.10 14.15
CA MET A 84 -3.71 -9.86 14.28
C MET A 84 -4.23 -9.77 15.68
N GLU A 85 -3.92 -8.64 16.33
CA GLU A 85 -4.41 -8.39 17.67
C GLU A 85 -5.35 -7.20 17.65
N LEU A 86 -6.58 -7.42 18.12
CA LEU A 86 -7.55 -6.34 18.25
C LEU A 86 -7.85 -6.17 19.72
N SER A 87 -7.67 -4.96 20.25
CA SER A 87 -7.96 -4.72 21.67
C SER A 87 -9.21 -3.86 21.87
N SER A 88 -9.53 -3.53 23.12
CA SER A 88 -10.76 -2.83 23.49
C SER A 88 -11.98 -3.46 22.84
N LEU A 89 -12.11 -4.78 22.91
CA LEU A 89 -13.18 -5.44 22.16
C LEU A 89 -14.57 -4.90 22.56
N THR A 90 -15.44 -4.82 21.57
CA THR A 90 -16.83 -4.37 21.72
C THR A 90 -17.69 -5.48 21.16
N SER A 91 -18.97 -5.56 21.54
CA SER A 91 -19.87 -6.59 21.00
C SER A 91 -19.96 -6.46 19.49
N GLU A 92 -19.62 -5.29 18.94
CA GLU A 92 -19.63 -5.14 17.49
C GLU A 92 -18.38 -5.66 16.80
N ASP A 93 -17.43 -6.21 17.55
CA ASP A 93 -16.32 -6.90 16.89
C ASP A 93 -16.61 -8.39 16.85
N THR A 94 -17.78 -8.80 17.36
CA THR A 94 -18.26 -10.15 17.11
C THR A 94 -18.29 -10.41 15.60
N ALA A 95 -17.48 -11.36 15.13
CA ALA A 95 -17.34 -11.59 13.70
C ALA A 95 -16.41 -12.75 13.40
N LEU A 96 -16.47 -13.24 12.16
CA LEU A 96 -15.47 -14.19 11.66
C LEU A 96 -14.25 -13.43 11.13
N TYR A 97 -13.07 -13.73 11.67
CA TYR A 97 -11.82 -13.08 11.24
C TYR A 97 -11.03 -14.06 10.36
N TYR A 98 -10.45 -13.56 9.27
CA TYR A 98 -9.82 -14.36 8.21
C TYR A 98 -8.45 -13.86 7.89
N CYS A 99 -7.47 -14.75 7.78
CA CYS A 99 -6.24 -14.33 7.13
C CYS A 99 -6.30 -14.78 5.70
N ALA A 100 -5.70 -13.98 4.84
CA ALA A 100 -5.66 -14.29 3.42
C ALA A 100 -4.33 -13.85 2.84
N ARG A 101 -4.06 -14.33 1.64
CA ARG A 101 -2.75 -14.18 1.06
C ARG A 101 -2.90 -14.28 -0.45
N GLY A 102 -2.04 -13.58 -1.19
CA GLY A 102 -2.03 -13.67 -2.65
C GLY A 102 -0.66 -14.07 -3.18
N LEU A 103 -0.29 -13.52 -4.33
CA LEU A 103 0.92 -13.95 -5.00
C LEU A 103 2.07 -12.94 -4.90
N TYR A 104 1.84 -11.79 -4.25
CA TYR A 104 2.86 -10.73 -4.18
C TYR A 104 3.11 -10.21 -2.77
N TYR A 105 4.20 -9.46 -2.62
CA TYR A 105 4.58 -8.87 -1.33
C TYR A 105 3.66 -7.75 -0.90
N TYR A 106 3.02 -7.11 -1.87
CA TYR A 106 2.02 -6.10 -1.56
C TYR A 106 0.64 -6.77 -1.66
N GLU A 107 -0.35 -6.22 -0.98
CA GLU A 107 -1.70 -6.81 -1.05
C GLU A 107 -2.28 -6.63 -2.43
N SER A 108 -2.92 -7.68 -2.94
CA SER A 108 -3.65 -7.54 -4.19
C SER A 108 -4.89 -8.40 -4.08
N SER A 109 -5.18 -9.24 -5.07
CA SER A 109 -6.34 -10.13 -4.89
C SER A 109 -6.03 -11.16 -3.81
N LEU A 110 -7.06 -11.71 -3.18
CA LEU A 110 -6.85 -12.65 -2.10
C LEU A 110 -7.05 -14.11 -2.57
N ASP A 111 -5.97 -14.69 -3.09
CA ASP A 111 -6.03 -16.04 -3.65
C ASP A 111 -6.23 -17.15 -2.64
N TYR A 112 -5.68 -17.00 -1.45
CA TYR A 112 -5.72 -18.07 -0.46
C TYR A 112 -6.29 -17.60 0.88
N TRP A 113 -7.05 -18.45 1.55
CA TRP A 113 -7.71 -18.09 2.79
C TRP A 113 -7.53 -19.12 3.89
N GLY A 114 -7.48 -18.67 5.13
CA GLY A 114 -7.54 -19.58 6.27
C GLY A 114 -9.00 -19.86 6.52
N GLN A 115 -9.27 -20.82 7.39
CA GLN A 115 -10.64 -21.27 7.59
C GLN A 115 -11.46 -20.28 8.44
N GLY A 116 -10.85 -19.16 8.82
CA GLY A 116 -11.53 -18.20 9.66
C GLY A 116 -11.65 -18.54 11.14
N THR A 117 -11.57 -17.50 11.95
CA THR A 117 -11.66 -17.60 13.39
C THR A 117 -12.87 -16.83 13.88
N LEU A 118 -13.77 -17.48 14.61
CA LEU A 118 -14.91 -16.75 15.13
C LEU A 118 -14.54 -16.17 16.48
N VAL A 119 -14.76 -14.86 16.63
CA VAL A 119 -14.60 -14.17 17.90
C VAL A 119 -15.96 -13.63 18.39
N THR A 120 -16.46 -14.17 19.47
CA THR A 120 -17.69 -13.64 20.04
C THR A 120 -17.36 -12.72 21.20
N VAL A 121 -17.99 -11.55 21.27
CA VAL A 121 -17.71 -10.60 22.35
C VAL A 121 -18.97 -10.42 23.18
N SER A 122 -18.87 -10.70 24.48
CA SER A 122 -20.03 -10.69 25.34
C SER A 122 -19.70 -10.59 26.82
N SER A 123 -20.53 -9.85 27.54
CA SER A 123 -20.40 -9.71 28.97
C SER A 123 -21.05 -10.89 29.67
N ALA A 124 -21.52 -11.86 28.89
CA ALA A 124 -22.25 -12.99 29.44
C ALA A 124 -21.31 -13.98 30.11
N SER A 125 -21.90 -15.01 30.70
CA SER A 125 -21.15 -16.08 31.33
C SER A 125 -21.79 -17.37 30.87
N THR A 126 -21.00 -18.43 30.77
CA THR A 126 -21.53 -19.72 30.33
C THR A 126 -22.82 -20.05 31.08
N LYS A 127 -23.83 -20.50 30.34
CA LYS A 127 -25.11 -20.84 30.93
C LYS A 127 -25.88 -21.80 30.03
N GLY A 128 -26.24 -22.95 30.56
CA GLY A 128 -27.02 -23.93 29.83
C GLY A 128 -28.42 -23.39 29.59
N PRO A 129 -29.14 -23.99 28.65
CA PRO A 129 -30.47 -23.52 28.29
C PRO A 129 -31.62 -24.07 29.14
N SER A 130 -32.57 -23.22 29.55
CA SER A 130 -33.88 -23.71 29.97
C SER A 130 -34.73 -24.11 28.74
N VAL A 131 -35.43 -25.24 28.81
CA VAL A 131 -36.29 -25.66 27.70
C VAL A 131 -37.78 -25.64 28.09
N PHE A 132 -38.64 -25.18 27.20
CA PHE A 132 -40.07 -25.17 27.48
C PHE A 132 -40.79 -25.75 26.27
N PRO A 133 -41.96 -26.38 26.48
CA PRO A 133 -42.64 -27.02 25.35
C PRO A 133 -43.34 -26.04 24.41
N LEU A 134 -43.28 -26.29 23.11
CA LEU A 134 -44.18 -25.59 22.20
C LEU A 134 -45.26 -26.60 21.86
N ALA A 135 -46.32 -26.55 22.65
CA ALA A 135 -47.36 -27.58 22.63
C ALA A 135 -48.28 -27.38 21.44
N PRO A 136 -48.61 -28.48 20.75
CA PRO A 136 -49.56 -28.43 19.64
C PRO A 136 -50.94 -28.04 20.15
N SER A 137 -51.55 -27.05 19.51
CA SER A 137 -52.91 -26.65 19.84
C SER A 137 -53.88 -27.74 19.40
N SER A 138 -55.12 -27.63 19.86
CA SER A 138 -56.19 -28.52 19.44
C SER A 138 -57.53 -27.86 19.74
N LYS A 139 -58.29 -27.36 18.75
CA LYS A 139 -57.99 -27.20 17.31
C LYS A 139 -57.58 -28.44 16.53
N THR A 145 -52.68 -31.57 9.54
CA THR A 145 -51.32 -31.67 10.05
C THR A 145 -51.09 -30.65 11.18
N ALA A 146 -50.43 -31.10 12.25
CA ALA A 146 -50.15 -30.24 13.40
C ALA A 146 -48.65 -29.97 13.60
N ALA A 147 -48.35 -28.84 14.24
CA ALA A 147 -46.99 -28.43 14.50
C ALA A 147 -46.75 -28.49 16.00
N LEU A 148 -45.49 -28.63 16.40
CA LEU A 148 -45.12 -28.61 17.81
C LEU A 148 -43.62 -28.36 17.91
N GLY A 149 -43.13 -28.17 19.12
CA GLY A 149 -41.72 -27.90 19.26
C GLY A 149 -41.22 -27.63 20.65
N CYS A 150 -40.02 -27.05 20.70
CA CYS A 150 -39.33 -26.72 21.93
C CYS A 150 -38.71 -25.34 21.86
N LEU A 151 -39.02 -24.53 22.85
CA LEU A 151 -38.34 -23.26 23.01
C LEU A 151 -37.06 -23.52 23.79
N VAL A 152 -35.90 -23.36 23.14
CA VAL A 152 -34.62 -23.46 23.84
C VAL A 152 -34.16 -22.06 24.20
N LYS A 153 -34.19 -21.74 25.48
CA LYS A 153 -34.15 -20.36 25.92
C LYS A 153 -32.99 -20.03 26.90
N ASP A 154 -32.46 -18.80 26.79
CA ASP A 154 -31.40 -18.26 27.65
C ASP A 154 -30.17 -19.16 27.82
N TYR A 155 -29.37 -19.28 26.77
CA TYR A 155 -28.13 -20.02 26.88
C TYR A 155 -26.98 -19.17 26.38
N PHE A 156 -25.77 -19.60 26.72
CA PHE A 156 -24.53 -18.98 26.27
C PHE A 156 -23.37 -19.93 26.52
N PRO A 157 -22.39 -19.96 25.60
CA PRO A 157 -22.52 -19.35 24.28
C PRO A 157 -23.23 -20.36 23.39
N GLU A 158 -23.21 -20.17 22.08
CA GLU A 158 -23.77 -21.20 21.23
C GLU A 158 -22.58 -22.07 20.82
N PRO A 159 -22.84 -23.20 20.15
CA PRO A 159 -24.10 -23.77 19.68
C PRO A 159 -24.89 -24.52 20.73
N VAL A 160 -26.18 -24.70 20.47
CA VAL A 160 -26.93 -25.82 21.01
C VAL A 160 -27.24 -26.71 19.84
N THR A 161 -27.42 -28.01 20.08
CA THR A 161 -27.87 -28.93 19.03
C THR A 161 -29.14 -29.62 19.49
N VAL A 162 -30.15 -29.58 18.64
CA VAL A 162 -31.45 -30.13 19.00
C VAL A 162 -31.82 -31.27 18.07
N SER A 163 -32.17 -32.43 18.64
CA SER A 163 -32.75 -33.51 17.84
C SER A 163 -34.12 -33.91 18.40
N TRP A 164 -34.80 -34.81 17.69
CA TRP A 164 -36.13 -35.26 18.10
C TRP A 164 -36.22 -36.79 18.21
N ASN A 165 -36.92 -37.27 19.23
CA ASN A 165 -37.07 -38.69 19.51
C ASN A 165 -35.72 -39.41 19.31
N SER A 166 -34.70 -38.95 20.06
CA SER A 166 -33.31 -39.39 19.92
C SER A 166 -32.87 -39.61 18.46
N GLY A 167 -33.34 -38.76 17.55
CA GLY A 167 -32.91 -38.81 16.17
C GLY A 167 -33.80 -39.65 15.32
N ALA A 168 -34.82 -40.26 15.93
CA ALA A 168 -35.81 -41.01 15.18
C ALA A 168 -36.48 -40.09 14.17
N LEU A 169 -37.17 -39.09 14.71
CA LEU A 169 -37.85 -38.08 13.91
C LEU A 169 -36.84 -37.16 13.23
N THR A 170 -36.83 -37.19 11.90
CA THR A 170 -35.90 -36.38 11.12
C THR A 170 -36.67 -35.38 10.23
N SER A 171 -37.58 -35.88 9.40
CA SER A 171 -38.26 -35.03 8.42
C SER A 171 -39.30 -34.12 9.07
N GLY A 172 -39.54 -32.98 8.46
CA GLY A 172 -40.48 -32.00 8.98
C GLY A 172 -39.90 -31.23 10.16
N VAL A 173 -38.59 -31.29 10.32
CA VAL A 173 -37.96 -30.59 11.42
C VAL A 173 -37.20 -29.35 10.96
N HIS A 174 -37.46 -28.24 11.64
CA HIS A 174 -36.72 -27.03 11.41
C HIS A 174 -36.17 -26.53 12.74
N THR A 175 -34.84 -26.56 12.91
CA THR A 175 -34.24 -25.87 14.03
C THR A 175 -33.70 -24.52 13.52
N PHE A 176 -34.11 -23.46 14.19
CA PHE A 176 -33.90 -22.12 13.67
C PHE A 176 -32.52 -21.64 14.05
N PRO A 177 -32.01 -20.61 13.35
CA PRO A 177 -30.82 -19.97 13.91
C PRO A 177 -31.18 -19.40 15.25
N ALA A 178 -30.17 -19.11 16.06
CA ALA A 178 -30.36 -18.52 17.37
C ALA A 178 -30.56 -17.03 17.23
N VAL A 179 -31.28 -16.44 18.18
CA VAL A 179 -31.36 -14.99 18.26
C VAL A 179 -30.82 -14.51 19.62
N LEU A 180 -30.15 -13.39 19.59
CA LEU A 180 -29.55 -12.83 20.79
C LEU A 180 -30.46 -11.77 21.41
N GLN A 181 -30.99 -12.08 22.60
CA GLN A 181 -32.00 -11.25 23.23
C GLN A 181 -31.34 -10.09 23.94
N SER A 182 -32.15 -9.17 24.48
CA SER A 182 -31.61 -8.02 25.22
C SER A 182 -30.68 -8.47 26.35
N SER A 183 -31.00 -9.63 26.92
CA SER A 183 -30.26 -10.23 28.02
C SER A 183 -28.97 -10.95 27.60
N GLY A 184 -28.30 -10.46 26.56
CA GLY A 184 -27.07 -11.09 26.08
C GLY A 184 -27.02 -12.62 25.98
N LEU A 185 -28.18 -13.27 26.10
CA LEU A 185 -28.25 -14.71 26.03
C LEU A 185 -29.05 -15.19 24.83
N TYR A 186 -28.82 -16.43 24.42
CA TYR A 186 -29.42 -16.88 23.19
C TYR A 186 -30.75 -17.58 23.44
N SER A 187 -31.67 -17.38 22.50
CA SER A 187 -32.89 -18.16 22.44
C SER A 187 -32.96 -18.84 21.06
N LEU A 188 -33.74 -19.90 20.96
CA LEU A 188 -33.80 -20.67 19.72
C LEU A 188 -35.03 -21.55 19.74
N SER A 189 -35.46 -22.03 18.58
CA SER A 189 -36.61 -22.91 18.58
C SER A 189 -36.44 -24.06 17.61
N SER A 190 -36.95 -25.21 18.00
CA SER A 190 -37.00 -26.34 17.10
C SER A 190 -38.43 -26.80 16.98
N VAL A 191 -38.90 -26.95 15.75
CA VAL A 191 -40.28 -27.28 15.49
C VAL A 191 -40.34 -28.48 14.58
N VAL A 192 -41.46 -29.16 14.64
CA VAL A 192 -41.71 -30.31 13.79
C VAL A 192 -43.20 -30.34 13.47
N THR A 193 -43.49 -30.67 12.22
CA THR A 193 -44.86 -30.78 11.79
C THR A 193 -45.17 -32.27 11.64
N VAL A 194 -46.29 -32.69 12.21
CA VAL A 194 -46.61 -34.11 12.34
C VAL A 194 -48.09 -34.30 12.08
N PRO A 195 -48.50 -35.53 11.69
CA PRO A 195 -49.91 -35.92 11.60
C PRO A 195 -50.73 -35.44 12.79
N SER A 196 -51.94 -34.94 12.54
CA SER A 196 -52.83 -34.52 13.62
C SER A 196 -53.24 -35.76 14.39
N SER A 197 -53.48 -36.84 13.64
CA SER A 197 -53.95 -38.10 14.20
C SER A 197 -52.88 -38.84 15.00
N SER A 198 -51.68 -38.29 15.08
CA SER A 198 -50.62 -38.89 15.89
C SER A 198 -50.27 -38.02 17.09
N LEU A 199 -51.18 -37.13 17.49
CA LEU A 199 -50.90 -36.23 18.61
C LEU A 199 -51.13 -36.90 19.97
N GLY A 200 -51.81 -38.05 19.96
CA GLY A 200 -52.05 -38.80 21.19
C GLY A 200 -51.33 -40.14 21.25
N THR A 201 -50.97 -40.66 20.07
CA THR A 201 -50.35 -41.97 19.95
C THR A 201 -48.83 -41.92 20.01
N GLN A 202 -48.25 -40.86 19.44
CA GLN A 202 -46.80 -40.75 19.29
C GLN A 202 -46.20 -39.82 20.34
N THR A 203 -45.16 -40.29 21.02
CA THR A 203 -44.49 -39.47 22.00
C THR A 203 -43.50 -38.55 21.28
N TYR A 204 -43.39 -37.31 21.74
CA TYR A 204 -42.44 -36.38 21.15
C TYR A 204 -41.54 -35.73 22.19
N ILE A 205 -40.25 -36.00 22.08
CA ILE A 205 -39.27 -35.43 23.00
C ILE A 205 -38.19 -34.75 22.19
N CYS A 206 -37.81 -33.54 22.60
CA CYS A 206 -36.72 -32.83 21.94
C CYS A 206 -35.47 -32.97 22.78
N ASN A 207 -34.32 -32.99 22.14
CA ASN A 207 -33.04 -33.34 22.80
C ASN A 207 -31.99 -32.23 22.74
N VAL A 208 -32.04 -31.33 23.70
CA VAL A 208 -31.20 -30.14 23.70
C VAL A 208 -29.82 -30.49 24.24
N ASN A 209 -28.78 -30.30 23.45
CA ASN A 209 -27.41 -30.53 23.92
C ASN A 209 -26.59 -29.24 23.83
N HIS A 210 -26.04 -28.82 24.96
CA HIS A 210 -25.32 -27.56 25.00
C HIS A 210 -23.93 -27.80 25.55
N LYS A 211 -23.04 -28.29 24.68
CA LYS A 211 -21.68 -28.66 25.08
C LYS A 211 -20.92 -27.65 25.95
N PRO A 212 -20.98 -26.33 25.63
CA PRO A 212 -20.28 -25.37 26.51
C PRO A 212 -20.68 -25.35 27.99
N SER A 213 -21.55 -26.25 28.41
CA SER A 213 -22.08 -26.29 29.77
C SER A 213 -22.34 -27.74 30.20
N ASN A 214 -21.96 -28.66 29.31
CA ASN A 214 -22.31 -30.08 29.38
C ASN A 214 -23.73 -30.30 29.91
N THR A 215 -24.69 -29.55 29.36
CA THR A 215 -26.09 -29.62 29.77
C THR A 215 -26.94 -30.31 28.71
N LYS A 216 -27.16 -31.61 28.84
CA LYS A 216 -28.17 -32.26 28.00
C LYS A 216 -29.52 -32.15 28.70
N VAL A 217 -30.57 -31.91 27.94
CA VAL A 217 -31.93 -31.82 28.49
C VAL A 217 -32.87 -32.55 27.54
N ASP A 218 -33.79 -33.34 28.09
CA ASP A 218 -34.87 -33.92 27.28
C ASP A 218 -36.25 -33.45 27.79
N LYS A 219 -37.11 -33.01 26.87
CA LYS A 219 -38.40 -32.42 27.27
C LYS A 219 -39.55 -32.99 26.46
N ARG A 220 -40.60 -33.44 27.16
CA ARG A 220 -41.74 -34.10 26.52
C ARG A 220 -42.73 -33.05 26.03
N VAL A 221 -43.10 -33.17 24.77
CA VAL A 221 -44.04 -32.22 24.16
C VAL A 221 -45.32 -32.98 23.82
N GLU A 222 -46.44 -32.46 24.32
CA GLU A 222 -47.72 -33.13 24.26
C GLU A 222 -48.79 -32.10 24.52
N PRO A 223 -50.01 -32.32 24.00
CA PRO A 223 -51.12 -31.37 24.15
C PRO A 223 -51.40 -30.97 25.60
N LYS A 224 -52.16 -29.91 25.82
CA LYS A 224 -52.29 -29.38 27.17
C LYS A 224 -53.45 -29.99 27.99
N SER A 225 -54.69 -29.69 27.62
CA SER A 225 -55.83 -30.18 28.41
C SER A 225 -56.95 -30.95 27.64
N CYS A 226 -57.52 -30.53 26.49
CA CYS A 226 -57.32 -29.32 25.64
C CYS A 226 -55.89 -29.11 25.09
N GLU B 1 -11.80 7.23 -0.44
CA GLU B 1 -12.19 5.83 -0.33
C GLU B 1 -12.97 5.38 -1.57
N ILE B 2 -12.53 4.31 -2.21
CA ILE B 2 -13.33 3.72 -3.28
C ILE B 2 -14.45 2.93 -2.66
N VAL B 3 -15.69 3.40 -2.82
CA VAL B 3 -16.84 2.67 -2.29
C VAL B 3 -17.40 1.78 -3.37
N LEU B 4 -17.65 0.52 -3.05
CA LEU B 4 -18.17 -0.45 -4.02
C LEU B 4 -19.55 -0.84 -3.58
N THR B 5 -20.51 -0.80 -4.50
CA THR B 5 -21.86 -1.19 -4.17
C THR B 5 -22.32 -2.26 -5.12
N GLN B 6 -23.04 -3.22 -4.58
CA GLN B 6 -23.35 -4.38 -5.34
C GLN B 6 -24.85 -4.46 -5.53
N SER B 7 -25.24 -4.96 -6.70
CA SER B 7 -26.62 -5.21 -6.98
C SER B 7 -26.78 -6.54 -7.76
N PRO B 8 -27.93 -7.19 -7.59
CA PRO B 8 -28.97 -6.82 -6.63
C PRO B 8 -28.67 -7.36 -5.24
N GLY B 9 -29.49 -7.03 -4.25
CA GLY B 9 -29.33 -7.55 -2.92
C GLY B 9 -29.56 -9.06 -2.90
N THR B 10 -30.66 -9.49 -3.50
CA THR B 10 -30.90 -10.91 -3.76
C THR B 10 -31.30 -11.17 -5.19
N LEU B 11 -30.62 -12.12 -5.80
CA LEU B 11 -30.91 -12.55 -7.15
C LEU B 11 -31.60 -13.90 -7.03
N SER B 12 -32.78 -14.02 -7.64
CA SER B 12 -33.59 -15.24 -7.56
C SER B 12 -33.66 -15.89 -8.91
N LEU B 13 -32.96 -17.00 -9.09
CA LEU B 13 -32.88 -17.66 -10.38
C LEU B 13 -32.95 -19.16 -10.16
N SER B 14 -33.23 -19.88 -11.23
CA SER B 14 -33.34 -21.34 -11.23
C SER B 14 -32.05 -22.02 -11.61
N PRO B 15 -31.91 -23.29 -11.21
CA PRO B 15 -30.75 -24.04 -11.71
C PRO B 15 -30.68 -23.92 -13.22
N GLY B 16 -29.50 -23.79 -13.80
CA GLY B 16 -29.37 -23.66 -15.24
C GLY B 16 -29.57 -22.28 -15.86
N GLU B 17 -30.05 -21.33 -15.08
CA GLU B 17 -30.22 -19.97 -15.58
C GLU B 17 -28.92 -19.15 -15.55
N ARG B 18 -28.82 -18.15 -16.41
CA ARG B 18 -27.68 -17.21 -16.40
C ARG B 18 -27.78 -16.18 -15.26
N ALA B 19 -26.75 -16.08 -14.44
CA ALA B 19 -26.75 -15.13 -13.34
C ALA B 19 -25.85 -13.94 -13.68
N THR B 20 -26.42 -12.74 -13.62
CA THR B 20 -25.65 -11.51 -13.85
C THR B 20 -25.59 -10.62 -12.59
N LEU B 21 -24.39 -10.49 -12.03
CA LEU B 21 -24.17 -9.77 -10.76
C LEU B 21 -23.33 -8.52 -11.00
N SER B 22 -23.74 -7.40 -10.43
CA SER B 22 -23.10 -6.11 -10.73
C SER B 22 -22.36 -5.62 -9.51
N CYS B 23 -21.31 -4.84 -9.79
CA CYS B 23 -20.49 -4.19 -8.80
C CYS B 23 -20.16 -2.79 -9.27
N ARG B 24 -20.59 -1.78 -8.53
CA ARG B 24 -20.38 -0.39 -8.89
C ARG B 24 -19.28 0.23 -8.03
N ALA B 25 -18.25 0.80 -8.65
CA ALA B 25 -17.24 1.52 -7.87
C ALA B 25 -17.61 2.99 -7.82
N SER B 26 -17.37 3.64 -6.67
CA SER B 26 -17.72 5.05 -6.47
C SER B 26 -16.86 6.00 -7.30
N GLN B 27 -15.88 5.45 -8.00
CA GLN B 27 -15.03 6.26 -8.87
C GLN B 27 -14.32 5.32 -9.83
N SER B 28 -13.90 5.83 -10.98
CA SER B 28 -13.26 5.01 -12.01
C SER B 28 -12.15 4.17 -11.41
N LEU B 29 -12.11 2.92 -11.83
CA LEU B 29 -11.24 1.91 -11.25
C LEU B 29 -10.52 1.23 -12.38
N SER B 30 -9.21 1.39 -12.47
CA SER B 30 -8.45 0.59 -13.41
C SER B 30 -8.82 -0.86 -13.15
N SER B 31 -9.18 -1.58 -14.19
CA SER B 31 -9.74 -2.90 -13.97
C SER B 31 -8.68 -3.85 -13.42
N LYS B 32 -7.41 -3.45 -13.50
CA LYS B 32 -6.31 -4.24 -12.89
C LYS B 32 -6.49 -4.51 -11.38
N TYR B 33 -7.58 -4.04 -10.78
CA TYR B 33 -7.63 -4.00 -9.34
C TYR B 33 -8.92 -4.44 -8.76
N LEU B 34 -9.70 -5.21 -9.53
CA LEU B 34 -11.02 -5.63 -9.04
C LEU B 34 -11.13 -7.17 -8.98
N ALA B 35 -11.76 -7.69 -7.94
CA ALA B 35 -11.79 -9.11 -7.76
C ALA B 35 -13.17 -9.48 -7.34
N TRP B 36 -13.60 -10.71 -7.66
CA TRP B 36 -14.82 -11.31 -7.14
C TRP B 36 -14.55 -12.57 -6.32
N TYR B 37 -15.35 -12.76 -5.25
CA TYR B 37 -15.25 -13.87 -4.32
C TYR B 37 -16.60 -14.58 -4.18
N GLN B 38 -16.56 -15.90 -4.06
CA GLN B 38 -17.75 -16.68 -3.71
C GLN B 38 -17.70 -17.12 -2.24
N GLN B 39 -18.82 -16.98 -1.55
CA GLN B 39 -18.92 -17.42 -0.18
C GLN B 39 -20.02 -18.47 -0.02
N LYS B 40 -19.66 -19.74 -0.10
CA LYS B 40 -20.61 -20.81 0.16
C LYS B 40 -20.77 -20.89 1.66
N PRO B 41 -21.97 -21.26 2.15
CA PRO B 41 -22.19 -21.32 3.61
C PRO B 41 -21.10 -22.14 4.33
N GLY B 42 -20.76 -21.75 5.55
CA GLY B 42 -19.77 -22.46 6.33
C GLY B 42 -18.34 -22.34 5.86
N GLN B 43 -18.11 -21.73 4.69
CA GLN B 43 -16.78 -21.79 4.10
C GLN B 43 -16.18 -20.42 3.90
N ALA B 44 -14.86 -20.36 3.99
CA ALA B 44 -14.13 -19.13 3.76
C ALA B 44 -14.35 -18.72 2.32
N PRO B 45 -14.24 -17.42 2.03
CA PRO B 45 -14.37 -16.95 0.65
C PRO B 45 -13.42 -17.64 -0.32
N ARG B 46 -13.82 -17.64 -1.58
CA ARG B 46 -13.09 -18.30 -2.62
C ARG B 46 -12.87 -17.30 -3.73
N LEU B 47 -11.62 -17.02 -4.06
CA LEU B 47 -11.39 -16.11 -5.18
C LEU B 47 -11.81 -16.74 -6.52
N LEU B 48 -12.86 -16.19 -7.14
CA LEU B 48 -13.31 -16.53 -8.51
C LEU B 48 -12.58 -15.78 -9.65
N ILE B 49 -12.38 -14.46 -9.51
CA ILE B 49 -11.89 -13.60 -10.61
C ILE B 49 -10.95 -12.63 -10.03
N TYR B 50 -9.80 -12.42 -10.66
CA TYR B 50 -9.02 -11.24 -10.29
C TYR B 50 -8.81 -10.38 -11.51
N GLY B 51 -8.59 -9.09 -11.30
CA GLY B 51 -8.25 -8.19 -12.39
C GLY B 51 -9.44 -8.02 -13.30
N ALA B 52 -10.62 -8.12 -12.72
CA ALA B 52 -11.92 -7.82 -13.36
C ALA B 52 -12.32 -8.94 -14.29
N SER B 53 -11.35 -9.60 -14.92
CA SER B 53 -11.72 -10.52 -15.96
C SER B 53 -10.86 -11.76 -16.11
N SER B 54 -9.93 -12.00 -15.18
CA SER B 54 -9.15 -13.23 -15.20
C SER B 54 -9.72 -14.22 -14.20
N ARG B 55 -9.95 -15.43 -14.65
CA ARG B 55 -10.49 -16.50 -13.81
C ARG B 55 -9.34 -17.12 -13.01
N ALA B 56 -9.52 -17.23 -11.70
CA ALA B 56 -8.55 -17.90 -10.83
C ALA B 56 -8.37 -19.38 -11.23
N THR B 57 -7.18 -19.91 -11.00
CA THR B 57 -6.90 -21.32 -11.30
C THR B 57 -7.87 -22.24 -10.58
N GLY B 58 -8.40 -23.20 -11.31
CA GLY B 58 -9.27 -24.19 -10.71
C GLY B 58 -10.70 -23.72 -10.48
N ILE B 59 -11.13 -22.73 -11.25
CA ILE B 59 -12.49 -22.20 -11.17
C ILE B 59 -13.21 -22.64 -12.44
N PRO B 60 -14.42 -23.18 -12.29
CA PRO B 60 -15.23 -23.56 -13.47
C PRO B 60 -15.34 -22.39 -14.45
N ASP B 61 -15.40 -22.66 -15.76
CA ASP B 61 -15.39 -21.57 -16.72
C ASP B 61 -16.77 -20.98 -16.95
N ARG B 62 -17.77 -21.55 -16.29
CA ARG B 62 -19.09 -20.92 -16.33
C ARG B 62 -19.09 -19.55 -15.59
N PHE B 63 -17.99 -19.27 -14.88
CA PHE B 63 -17.74 -17.98 -14.23
C PHE B 63 -16.88 -17.07 -15.10
N SER B 64 -17.30 -15.83 -15.24
CA SER B 64 -16.53 -14.89 -16.01
C SER B 64 -16.74 -13.46 -15.48
N GLY B 65 -15.76 -12.59 -15.70
CA GLY B 65 -15.91 -11.20 -15.31
C GLY B 65 -15.62 -10.18 -16.40
N SER B 66 -16.35 -9.08 -16.41
CA SER B 66 -15.98 -7.99 -17.30
C SER B 66 -16.21 -6.69 -16.62
N GLY B 67 -16.03 -5.62 -17.40
CA GLY B 67 -16.23 -4.28 -16.93
C GLY B 67 -14.96 -3.46 -16.88
N SER B 68 -15.15 -2.15 -16.86
CA SER B 68 -14.07 -1.22 -16.76
C SER B 68 -14.66 0.02 -16.14
N GLY B 69 -13.82 0.94 -15.70
CA GLY B 69 -14.35 2.18 -15.20
C GLY B 69 -15.07 2.04 -13.88
N THR B 70 -16.41 2.13 -13.90
CA THR B 70 -17.18 2.17 -12.65
C THR B 70 -18.09 0.93 -12.48
N ASP B 71 -18.32 0.20 -13.58
CA ASP B 71 -19.23 -0.91 -13.51
C ASP B 71 -18.56 -2.21 -13.97
N PHE B 72 -18.64 -3.21 -13.10
CA PHE B 72 -18.05 -4.49 -13.36
C PHE B 72 -19.12 -5.51 -13.17
N THR B 73 -18.94 -6.64 -13.84
CA THR B 73 -19.98 -7.64 -13.89
C THR B 73 -19.42 -9.02 -13.67
N LEU B 74 -20.13 -9.84 -12.91
CA LEU B 74 -19.72 -11.23 -12.76
C LEU B 74 -20.86 -12.02 -13.30
N THR B 75 -20.56 -12.91 -14.24
CA THR B 75 -21.57 -13.67 -14.97
C THR B 75 -21.42 -15.14 -14.64
N ILE B 76 -22.51 -15.79 -14.31
CA ILE B 76 -22.47 -17.23 -14.14
C ILE B 76 -23.39 -17.74 -15.24
N SER B 77 -22.81 -18.35 -16.28
CA SER B 77 -23.53 -18.64 -17.53
C SER B 77 -24.69 -19.57 -17.30
N ARG B 78 -24.46 -20.54 -16.42
CA ARG B 78 -25.47 -21.50 -16.05
C ARG B 78 -25.29 -21.84 -14.57
N LEU B 79 -26.32 -21.59 -13.75
CA LEU B 79 -26.23 -21.91 -12.33
C LEU B 79 -26.30 -23.41 -12.03
N GLU B 80 -25.23 -23.90 -11.41
CA GLU B 80 -25.21 -25.21 -10.80
C GLU B 80 -25.66 -25.04 -9.34
N PRO B 81 -26.05 -26.14 -8.66
CA PRO B 81 -26.57 -26.00 -7.29
C PRO B 81 -25.60 -25.38 -6.31
N GLU B 82 -24.33 -25.56 -6.60
CA GLU B 82 -23.33 -25.13 -5.65
C GLU B 82 -23.10 -23.64 -5.78
N ASP B 83 -23.61 -23.03 -6.86
CA ASP B 83 -23.37 -21.60 -7.11
C ASP B 83 -24.37 -20.71 -6.37
N PHE B 84 -25.27 -21.32 -5.61
CA PHE B 84 -26.23 -20.57 -4.82
C PHE B 84 -25.58 -20.21 -3.51
N ALA B 85 -25.11 -18.98 -3.45
CA ALA B 85 -24.19 -18.57 -2.43
C ALA B 85 -24.15 -17.06 -2.45
N VAL B 86 -23.31 -16.46 -1.59
CA VAL B 86 -23.14 -15.02 -1.60
C VAL B 86 -21.84 -14.67 -2.34
N TYR B 87 -21.88 -13.59 -3.13
CA TYR B 87 -20.74 -13.11 -3.92
C TYR B 87 -20.39 -11.68 -3.53
N SER B 88 -19.09 -11.40 -3.42
CA SER B 88 -18.61 -10.08 -3.01
C SER B 88 -17.59 -9.61 -4.01
N CYS B 89 -17.63 -8.31 -4.37
CA CYS B 89 -16.48 -7.77 -5.10
C CYS B 89 -15.50 -7.08 -4.14
N GLN B 90 -14.30 -6.85 -4.64
CA GLN B 90 -13.23 -6.27 -3.85
C GLN B 90 -12.40 -5.38 -4.75
N GLN B 91 -12.01 -4.23 -4.25
CA GLN B 91 -11.11 -3.36 -5.00
C GLN B 91 -9.76 -3.35 -4.25
N TYR B 92 -8.63 -3.32 -4.95
CA TYR B 92 -7.32 -3.30 -4.25
C TYR B 92 -6.41 -2.31 -4.95
N ASP B 93 -7.01 -1.23 -5.44
CA ASP B 93 -6.32 -0.09 -6.02
C ASP B 93 -5.79 0.83 -4.93
N GLY B 94 -6.67 1.30 -4.06
CA GLY B 94 -6.31 2.25 -3.03
C GLY B 94 -6.50 1.73 -1.62
N VAL B 95 -6.25 2.59 -0.62
CA VAL B 95 -6.49 2.24 0.77
C VAL B 95 -7.65 3.08 1.32
N PRO B 96 -8.47 2.50 2.21
CA PRO B 96 -8.41 1.07 2.60
C PRO B 96 -8.90 0.21 1.46
N ARG B 97 -8.57 -1.08 1.43
CA ARG B 97 -9.17 -1.97 0.46
C ARG B 97 -10.61 -2.05 0.87
N THR B 98 -11.52 -2.19 -0.08
CA THR B 98 -12.92 -2.22 0.27
C THR B 98 -13.59 -3.35 -0.48
N PHE B 99 -14.70 -3.81 0.09
CA PHE B 99 -15.56 -4.80 -0.47
C PHE B 99 -16.97 -4.21 -0.61
N GLY B 100 -17.77 -4.76 -1.52
CA GLY B 100 -19.19 -4.44 -1.57
C GLY B 100 -19.98 -5.26 -0.56
N GLN B 101 -21.29 -5.00 -0.49
CA GLN B 101 -22.13 -5.62 0.56
C GLN B 101 -22.42 -7.06 0.26
N GLY B 102 -22.06 -7.52 -0.93
CA GLY B 102 -22.35 -8.88 -1.32
C GLY B 102 -23.73 -9.10 -1.93
N THR B 103 -23.82 -10.04 -2.87
CA THR B 103 -25.08 -10.38 -3.48
C THR B 103 -25.37 -11.82 -3.16
N THR B 104 -26.61 -12.08 -2.75
CA THR B 104 -27.02 -13.43 -2.42
C THR B 104 -27.76 -14.00 -3.61
N VAL B 105 -27.30 -15.17 -4.11
CA VAL B 105 -27.96 -15.83 -5.22
C VAL B 105 -28.80 -16.97 -4.68
N GLU B 106 -30.09 -16.90 -4.98
CA GLU B 106 -31.08 -17.72 -4.31
C GLU B 106 -31.92 -18.46 -5.35
N ILE B 107 -32.47 -19.61 -4.96
CA ILE B 107 -33.20 -20.49 -5.87
C ILE B 107 -34.63 -20.03 -6.08
N LYS B 108 -35.00 -19.72 -7.32
CA LYS B 108 -36.39 -19.37 -7.60
C LYS B 108 -37.22 -20.65 -7.79
N ARG B 109 -38.41 -20.66 -7.20
CA ARG B 109 -39.32 -21.77 -7.35
C ARG B 109 -40.74 -21.21 -7.36
N THR B 110 -41.73 -22.05 -7.57
CA THR B 110 -43.11 -21.58 -7.55
C THR B 110 -43.43 -21.04 -6.16
N VAL B 111 -44.35 -20.09 -6.10
CA VAL B 111 -44.81 -19.58 -4.82
C VAL B 111 -45.48 -20.68 -4.01
N ALA B 112 -45.16 -20.73 -2.72
CA ALA B 112 -45.77 -21.66 -1.79
C ALA B 112 -46.12 -20.85 -0.56
N ALA B 113 -47.36 -20.97 -0.07
CA ALA B 113 -47.79 -20.14 1.04
C ALA B 113 -47.35 -20.77 2.38
N PRO B 114 -47.15 -19.95 3.41
CA PRO B 114 -46.78 -20.49 4.72
C PRO B 114 -47.90 -21.26 5.39
N SER B 115 -47.59 -22.35 6.10
CA SER B 115 -48.48 -22.83 7.14
C SER B 115 -48.19 -22.05 8.42
N VAL B 116 -49.21 -21.47 9.03
CA VAL B 116 -49.02 -20.69 10.26
C VAL B 116 -49.59 -21.41 11.48
N PHE B 117 -48.85 -21.34 12.59
CA PHE B 117 -49.24 -21.91 13.89
C PHE B 117 -48.83 -20.94 14.99
N ILE B 118 -49.65 -20.82 16.03
CA ILE B 118 -49.29 -19.97 17.16
C ILE B 118 -49.21 -20.82 18.46
N PHE B 119 -48.08 -20.70 19.18
CA PHE B 119 -47.87 -21.39 20.46
C PHE B 119 -47.83 -20.43 21.66
N PRO B 120 -48.68 -20.68 22.66
CA PRO B 120 -48.71 -19.90 23.89
C PRO B 120 -47.59 -20.31 24.85
N PRO B 121 -47.18 -19.41 25.76
CA PRO B 121 -46.05 -19.75 26.63
C PRO B 121 -46.44 -20.86 27.60
N SER B 122 -45.49 -21.73 27.94
CA SER B 122 -45.74 -22.82 28.90
C SER B 122 -46.07 -22.26 30.28
N ASP B 123 -46.73 -23.08 31.09
CA ASP B 123 -46.97 -22.67 32.46
C ASP B 123 -45.66 -22.80 33.23
N GLU B 124 -44.82 -23.73 32.78
CA GLU B 124 -43.48 -23.87 33.34
C GLU B 124 -42.68 -22.59 33.18
N GLN B 125 -42.67 -22.02 31.97
CA GLN B 125 -41.93 -20.78 31.74
C GLN B 125 -42.54 -19.63 32.54
N LEU B 126 -43.83 -19.75 32.82
CA LEU B 126 -44.61 -18.67 33.45
C LEU B 126 -44.43 -18.58 34.97
N LYS B 127 -44.04 -19.67 35.62
CA LYS B 127 -43.72 -19.59 37.06
C LYS B 127 -42.42 -18.84 37.23
N SER B 128 -41.62 -18.81 36.17
CA SER B 128 -40.54 -17.84 36.05
C SER B 128 -41.12 -16.54 35.50
N GLY B 129 -40.36 -15.45 35.53
CA GLY B 129 -40.97 -14.15 35.24
C GLY B 129 -41.33 -13.78 33.81
N THR B 130 -41.33 -14.74 32.90
CA THR B 130 -41.33 -14.39 31.47
C THR B 130 -42.27 -15.24 30.63
N ALA B 131 -42.99 -14.57 29.71
CA ALA B 131 -43.85 -15.24 28.76
C ALA B 131 -43.35 -15.04 27.33
N SER B 132 -43.16 -16.14 26.61
CA SER B 132 -42.74 -16.07 25.22
C SER B 132 -43.82 -16.67 24.32
N VAL B 133 -44.35 -15.86 23.43
CA VAL B 133 -45.36 -16.31 22.49
C VAL B 133 -44.69 -16.55 21.13
N VAL B 134 -44.79 -17.77 20.63
CA VAL B 134 -44.12 -18.13 19.37
C VAL B 134 -45.09 -18.28 18.21
N CYS B 135 -44.79 -17.60 17.09
CA CYS B 135 -45.54 -17.79 15.84
C CYS B 135 -44.66 -18.45 14.80
N LEU B 136 -45.15 -19.51 14.20
CA LEU B 136 -44.37 -20.24 13.20
C LEU B 136 -44.93 -19.99 11.79
N LEU B 137 -44.05 -19.80 10.80
CA LEU B 137 -44.49 -19.81 9.40
C LEU B 137 -43.66 -20.85 8.68
N ASN B 138 -44.30 -21.95 8.29
CA ASN B 138 -43.56 -23.13 7.83
C ASN B 138 -43.59 -23.31 6.33
N ASN B 139 -42.41 -23.42 5.74
CA ASN B 139 -42.23 -23.92 4.36
C ASN B 139 -42.89 -23.10 3.24
N PHE B 140 -42.53 -21.82 3.17
CA PHE B 140 -43.09 -20.92 2.16
C PHE B 140 -42.04 -20.42 1.19
N TYR B 141 -42.50 -19.86 0.07
CA TYR B 141 -41.64 -19.14 -0.89
C TYR B 141 -42.45 -18.09 -1.68
N PRO B 142 -41.90 -16.89 -1.86
CA PRO B 142 -40.57 -16.37 -1.54
C PRO B 142 -40.36 -16.04 -0.06
N ARG B 143 -39.24 -15.42 0.25
CA ARG B 143 -38.81 -15.25 1.62
C ARG B 143 -39.48 -14.08 2.35
N GLU B 144 -39.86 -13.04 1.62
CA GLU B 144 -40.58 -11.91 2.21
C GLU B 144 -41.86 -12.42 2.85
N ALA B 145 -42.05 -12.02 4.11
CA ALA B 145 -43.24 -12.35 4.87
C ALA B 145 -43.38 -11.24 5.90
N LYS B 146 -44.61 -10.84 6.17
CA LYS B 146 -44.85 -9.87 7.24
C LYS B 146 -45.61 -10.58 8.37
N VAL B 147 -45.06 -10.49 9.58
CA VAL B 147 -45.72 -11.05 10.75
C VAL B 147 -46.01 -9.93 11.72
N GLN B 148 -47.28 -9.76 12.04
CA GLN B 148 -47.68 -8.71 12.97
C GLN B 148 -48.30 -9.30 14.23
N TRP B 149 -47.81 -8.87 15.38
CA TRP B 149 -48.39 -9.24 16.68
C TRP B 149 -49.44 -8.23 17.19
N LYS B 150 -50.63 -8.72 17.47
CA LYS B 150 -51.63 -7.91 18.14
C LYS B 150 -51.99 -8.55 19.47
N VAL B 151 -51.86 -7.77 20.54
CA VAL B 151 -52.26 -8.19 21.88
C VAL B 151 -53.54 -7.44 22.27
N ASP B 152 -54.66 -8.16 22.32
CA ASP B 152 -55.97 -7.55 22.44
C ASP B 152 -56.13 -6.48 21.37
N ASN B 153 -55.73 -6.83 20.14
CA ASN B 153 -55.84 -5.93 19.01
C ASN B 153 -55.07 -4.63 19.23
N ALA B 154 -53.95 -4.74 19.92
CA ALA B 154 -53.00 -3.63 20.04
C ALA B 154 -51.74 -4.00 19.27
N LEU B 155 -51.58 -3.42 18.09
CA LEU B 155 -50.40 -3.60 17.24
C LEU B 155 -49.11 -3.48 18.06
N GLN B 156 -48.39 -4.59 18.19
CA GLN B 156 -47.18 -4.63 18.99
C GLN B 156 -46.01 -4.04 18.22
N SER B 157 -45.00 -3.58 18.94
CA SER B 157 -43.82 -2.99 18.30
C SER B 157 -42.60 -3.00 19.22
N GLY B 158 -41.51 -3.60 18.75
CA GLY B 158 -40.27 -3.61 19.49
C GLY B 158 -40.11 -4.70 20.54
N ASN B 159 -41.06 -5.63 20.60
CA ASN B 159 -41.01 -6.68 21.61
C ASN B 159 -41.12 -8.07 20.99
N SER B 160 -40.79 -8.16 19.71
CA SER B 160 -40.75 -9.44 19.02
C SER B 160 -39.41 -9.58 18.37
N GLN B 161 -39.02 -10.83 18.11
CA GLN B 161 -37.80 -11.16 17.39
C GLN B 161 -38.11 -12.30 16.45
N GLU B 162 -37.47 -12.32 15.31
CA GLU B 162 -37.72 -13.44 14.41
C GLU B 162 -36.47 -13.99 13.79
N SER B 163 -36.61 -15.21 13.27
CA SER B 163 -35.47 -15.95 12.80
C SER B 163 -35.91 -16.75 11.58
N VAL B 164 -35.08 -16.79 10.55
CA VAL B 164 -35.44 -17.52 9.34
C VAL B 164 -34.40 -18.59 9.07
N THR B 165 -34.86 -19.79 8.75
CA THR B 165 -33.98 -20.86 8.33
C THR B 165 -33.34 -20.57 6.97
N GLU B 166 -32.38 -21.40 6.60
CA GLU B 166 -31.77 -21.27 5.29
C GLU B 166 -32.71 -21.88 4.27
N GLN B 167 -32.49 -21.54 3.00
CA GLN B 167 -33.27 -22.09 1.94
C GLN B 167 -33.02 -23.59 1.96
N ASP B 168 -34.12 -24.34 1.97
CA ASP B 168 -34.15 -25.80 2.10
C ASP B 168 -33.48 -26.55 0.96
N SER B 169 -32.74 -27.61 1.30
CA SER B 169 -32.00 -28.40 0.32
C SER B 169 -32.91 -29.26 -0.56
N LYS B 170 -34.07 -29.64 -0.02
CA LYS B 170 -34.98 -30.53 -0.73
C LYS B 170 -35.95 -29.74 -1.60
N ASP B 171 -36.76 -28.88 -0.97
CA ASP B 171 -37.85 -28.20 -1.69
C ASP B 171 -37.66 -26.68 -1.82
N SER B 172 -36.41 -26.22 -1.62
CA SER B 172 -36.04 -24.82 -1.79
C SER B 172 -36.92 -23.85 -1.02
N THR B 173 -37.34 -24.26 0.17
CA THR B 173 -38.32 -23.48 0.93
C THR B 173 -37.67 -22.69 2.10
N TYR B 174 -38.47 -21.86 2.77
CA TYR B 174 -38.04 -21.14 3.98
C TYR B 174 -38.97 -21.36 5.14
N SER B 175 -38.44 -21.30 6.35
CA SER B 175 -39.36 -21.25 7.48
C SER B 175 -38.97 -20.12 8.40
N LEU B 176 -39.95 -19.58 9.08
CA LEU B 176 -39.75 -18.39 9.90
C LEU B 176 -40.42 -18.58 11.25
N SER B 177 -39.85 -17.95 12.27
CA SER B 177 -40.41 -18.03 13.61
C SER B 177 -40.38 -16.64 14.17
N SER B 178 -41.49 -16.22 14.76
CA SER B 178 -41.57 -14.91 15.41
C SER B 178 -41.87 -15.11 16.90
N THR B 179 -40.98 -14.64 17.76
CA THR B 179 -41.21 -14.76 19.18
C THR B 179 -41.51 -13.40 19.78
N LEU B 180 -42.63 -13.31 20.48
CA LEU B 180 -43.03 -12.12 21.20
C LEU B 180 -42.73 -12.34 22.67
N THR B 181 -41.99 -11.43 23.29
CA THR B 181 -41.58 -11.65 24.67
C THR B 181 -42.19 -10.62 25.62
N LEU B 182 -43.00 -11.11 26.56
CA LEU B 182 -43.60 -10.27 27.59
C LEU B 182 -43.38 -10.84 29.00
N SER B 183 -43.44 -9.98 30.00
CA SER B 183 -43.41 -10.41 31.40
C SER B 183 -44.69 -11.17 31.72
N LYS B 184 -44.61 -12.09 32.68
CA LYS B 184 -45.80 -12.81 33.15
C LYS B 184 -46.86 -11.82 33.59
N ALA B 185 -46.41 -10.68 34.14
CA ALA B 185 -47.29 -9.60 34.51
C ALA B 185 -48.02 -9.09 33.27
N ASP B 186 -47.27 -8.58 32.29
CA ASP B 186 -47.89 -8.04 31.08
C ASP B 186 -48.71 -9.08 30.33
N TYR B 187 -48.30 -10.34 30.43
CA TYR B 187 -49.00 -11.42 29.76
C TYR B 187 -50.39 -11.67 30.33
N GLU B 188 -50.52 -11.60 31.66
CA GLU B 188 -51.81 -11.92 32.27
C GLU B 188 -52.74 -10.73 32.33
N LYS B 189 -52.27 -9.58 31.84
CA LYS B 189 -53.09 -8.37 31.81
C LYS B 189 -53.95 -8.25 30.54
N HIS B 190 -53.75 -9.15 29.58
CA HIS B 190 -54.49 -9.14 28.32
C HIS B 190 -55.07 -10.53 27.97
N LYS B 191 -56.08 -10.55 27.10
CA LYS B 191 -56.84 -11.77 26.84
C LYS B 191 -56.59 -12.40 25.45
N VAL B 192 -56.53 -11.57 24.41
CA VAL B 192 -56.38 -12.07 23.03
C VAL B 192 -54.97 -11.86 22.46
N TYR B 193 -54.31 -12.95 22.06
CA TYR B 193 -52.96 -12.86 21.48
C TYR B 193 -52.94 -13.35 20.04
N ALA B 194 -52.63 -12.40 19.15
CA ALA B 194 -52.86 -12.59 17.72
C ALA B 194 -51.59 -12.55 16.88
N CYS B 195 -51.48 -13.54 15.99
CA CYS B 195 -50.40 -13.58 15.02
C CYS B 195 -50.90 -13.51 13.57
N GLU B 196 -50.80 -12.35 12.93
CA GLU B 196 -51.33 -12.19 11.57
C GLU B 196 -50.24 -12.17 10.53
N VAL B 197 -50.43 -12.95 9.47
CA VAL B 197 -49.41 -13.15 8.47
C VAL B 197 -49.85 -12.67 7.09
N THR B 198 -49.05 -11.81 6.44
CA THR B 198 -49.30 -11.52 5.02
C THR B 198 -48.11 -11.99 4.19
N HIS B 199 -48.41 -12.85 3.21
CA HIS B 199 -47.43 -13.43 2.28
C HIS B 199 -48.06 -13.53 0.90
N GLN B 200 -47.30 -13.29 -0.16
CA GLN B 200 -47.91 -13.27 -1.49
C GLN B 200 -48.52 -14.60 -1.94
N GLY B 201 -48.21 -15.69 -1.24
CA GLY B 201 -48.88 -16.96 -1.54
C GLY B 201 -50.26 -17.03 -0.90
N LEU B 202 -50.64 -15.97 -0.19
CA LEU B 202 -51.89 -15.90 0.56
C LEU B 202 -52.88 -14.89 -0.06
N SER B 203 -54.05 -15.38 -0.51
CA SER B 203 -55.08 -14.52 -1.13
C SER B 203 -55.43 -13.41 -0.17
N SER B 204 -55.43 -13.75 1.11
CA SER B 204 -55.79 -12.84 2.20
C SER B 204 -54.98 -13.23 3.44
N PRO B 205 -54.67 -12.24 4.30
CA PRO B 205 -53.86 -12.44 5.51
C PRO B 205 -54.40 -13.56 6.38
N VAL B 206 -53.53 -14.45 6.83
CA VAL B 206 -53.90 -15.52 7.76
C VAL B 206 -53.67 -15.03 9.19
N THR B 207 -54.65 -15.29 10.06
CA THR B 207 -54.48 -15.02 11.48
C THR B 207 -54.70 -16.30 12.29
N LYS B 208 -53.76 -16.54 13.20
CA LYS B 208 -53.89 -17.59 14.20
C LYS B 208 -53.78 -16.92 15.57
N SER B 209 -54.66 -17.29 16.50
CA SER B 209 -54.59 -16.68 17.81
C SER B 209 -55.10 -17.60 18.91
N PHE B 210 -54.92 -17.17 20.16
CA PHE B 210 -55.44 -17.88 21.31
C PHE B 210 -55.93 -16.87 22.36
N ASN B 211 -56.74 -17.36 23.28
CA ASN B 211 -57.10 -16.59 24.47
C ASN B 211 -56.35 -17.18 25.67
N ARG B 212 -55.83 -16.30 26.51
CA ARG B 212 -55.18 -16.71 27.76
C ARG B 212 -56.21 -17.24 28.77
N GLY B 213 -56.26 -18.55 28.96
CA GLY B 213 -57.31 -19.17 29.76
C GLY B 213 -58.02 -20.35 29.09
N GLU B 214 -57.24 -21.41 28.85
CA GLU B 214 -57.70 -22.61 28.16
C GLU B 214 -57.80 -23.81 29.10
N CYS B 215 -57.39 -23.60 30.35
CA CYS B 215 -57.14 -24.67 31.31
C CYS B 215 -58.36 -24.98 32.16
N GLN C 1 29.06 -4.67 5.20
CA GLN C 1 28.79 -3.60 4.26
C GLN C 1 28.59 -4.15 2.87
N LEU C 2 28.59 -3.25 1.90
CA LEU C 2 28.14 -3.59 0.57
C LEU C 2 29.10 -3.01 -0.43
N VAL C 3 29.76 -3.87 -1.16
CA VAL C 3 30.75 -3.40 -2.12
C VAL C 3 30.29 -3.84 -3.48
N GLN C 4 30.25 -2.89 -4.43
CA GLN C 4 29.77 -3.21 -5.76
C GLN C 4 30.90 -3.16 -6.78
N SER C 5 30.61 -3.70 -7.95
CA SER C 5 31.55 -3.69 -9.07
C SER C 5 31.81 -2.27 -9.53
N GLY C 6 32.82 -2.10 -10.38
CA GLY C 6 33.30 -0.79 -10.78
C GLY C 6 32.44 -0.14 -11.84
N ALA C 7 32.77 1.10 -12.19
CA ALA C 7 31.99 1.83 -13.19
C ALA C 7 32.03 1.09 -14.52
N GLU C 8 31.17 1.47 -15.45
CA GLU C 8 31.15 0.79 -16.74
C GLU C 8 30.68 1.71 -17.85
N VAL C 9 31.49 1.84 -18.89
CA VAL C 9 31.07 2.53 -20.08
C VAL C 9 30.75 1.48 -21.13
N VAL C 10 29.54 1.53 -21.68
CA VAL C 10 29.11 0.54 -22.67
C VAL C 10 28.29 1.23 -23.75
N LYS C 11 28.13 0.56 -24.88
CA LYS C 11 27.45 1.13 -26.06
C LYS C 11 26.01 0.62 -26.09
N PRO C 12 25.07 1.44 -26.62
CA PRO C 12 23.61 1.24 -26.73
C PRO C 12 23.08 -0.18 -26.52
N GLY C 13 22.71 -0.90 -27.58
CA GLY C 13 22.03 -2.19 -27.44
C GLY C 13 22.56 -3.21 -26.43
N ALA C 14 23.77 -2.99 -25.92
CA ALA C 14 24.47 -3.88 -24.98
C ALA C 14 23.77 -4.14 -23.64
N SER C 15 24.47 -4.88 -22.79
CA SER C 15 23.95 -5.36 -21.50
C SER C 15 25.06 -5.47 -20.46
N VAL C 16 24.71 -5.23 -19.20
CA VAL C 16 25.69 -5.18 -18.12
C VAL C 16 25.25 -6.03 -16.93
N LYS C 17 26.20 -6.68 -16.27
CA LYS C 17 25.91 -7.39 -15.03
C LYS C 17 26.64 -6.73 -13.89
N VAL C 18 25.92 -6.17 -12.94
CA VAL C 18 26.52 -5.44 -11.82
C VAL C 18 26.51 -6.35 -10.60
N SER C 19 27.49 -6.22 -9.71
CA SER C 19 27.48 -7.11 -8.55
C SER C 19 27.50 -6.36 -7.23
N CYS C 20 27.09 -7.04 -6.16
CA CYS C 20 27.09 -6.45 -4.81
C CYS C 20 27.50 -7.50 -3.78
N LYS C 21 28.65 -7.31 -3.15
CA LYS C 21 29.10 -8.26 -2.14
C LYS C 21 28.70 -7.83 -0.74
N ALA C 22 27.77 -8.55 -0.13
CA ALA C 22 27.46 -8.31 1.28
C ALA C 22 28.55 -8.95 2.07
N SER C 23 28.95 -8.30 3.17
CA SER C 23 29.83 -8.95 4.14
C SER C 23 29.60 -8.38 5.53
N GLY C 24 29.87 -9.19 6.55
CA GLY C 24 29.78 -8.74 7.93
C GLY C 24 28.39 -8.84 8.54
N TYR C 25 27.44 -9.37 7.76
CA TYR C 25 26.11 -9.69 8.29
C TYR C 25 25.54 -10.95 7.65
N THR C 26 24.45 -11.45 8.19
CA THR C 26 23.91 -12.67 7.65
C THR C 26 23.23 -12.35 6.34
N PHE C 27 23.95 -12.61 5.26
CA PHE C 27 23.43 -12.42 3.92
C PHE C 27 21.97 -12.83 3.76
N THR C 28 21.57 -13.95 4.38
CA THR C 28 20.20 -14.43 4.11
C THR C 28 19.11 -13.87 5.02
N SER C 29 19.43 -12.91 5.89
CA SER C 29 18.40 -12.31 6.75
C SER C 29 17.84 -11.03 6.12
N TYR C 30 18.33 -10.70 4.95
CA TYR C 30 18.00 -9.43 4.35
C TYR C 30 17.53 -9.67 2.94
N TRP C 31 16.54 -8.90 2.51
CA TRP C 31 16.19 -8.81 1.11
C TRP C 31 17.15 -7.80 0.54
N MET C 32 17.73 -8.09 -0.62
CA MET C 32 18.61 -7.11 -1.23
C MET C 32 17.86 -6.28 -2.32
N HIS C 33 18.02 -4.96 -2.28
CA HIS C 33 17.26 -4.05 -3.18
C HIS C 33 18.17 -3.38 -4.16
N TRP C 34 17.59 -2.96 -5.28
CA TRP C 34 18.33 -2.18 -6.26
C TRP C 34 17.63 -0.87 -6.57
N VAL C 35 18.42 0.19 -6.62
CA VAL C 35 17.90 1.53 -6.74
C VAL C 35 18.65 2.29 -7.83
N LYS C 36 17.89 2.94 -8.72
CA LYS C 36 18.52 3.83 -9.70
C LYS C 36 18.50 5.30 -9.26
N GLN C 37 19.62 5.97 -9.45
CA GLN C 37 19.71 7.42 -9.27
C GLN C 37 20.34 8.12 -10.46
N ALA C 38 19.53 8.90 -11.14
CA ALA C 38 20.00 9.73 -12.24
C ALA C 38 19.18 11.00 -12.32
N PRO C 39 19.84 12.15 -12.58
CA PRO C 39 19.15 13.39 -12.92
C PRO C 39 18.08 13.17 -13.99
N GLY C 40 16.84 13.51 -13.70
CA GLY C 40 15.75 13.24 -14.63
C GLY C 40 14.55 12.65 -13.93
N GLN C 41 14.74 11.48 -13.35
CA GLN C 41 13.69 10.82 -12.57
C GLN C 41 14.04 10.78 -11.08
N GLY C 42 15.27 11.15 -10.73
CA GLY C 42 15.74 11.09 -9.35
C GLY C 42 16.01 9.67 -8.87
N LEU C 43 15.63 9.36 -7.63
CA LEU C 43 15.79 8.02 -7.04
C LEU C 43 14.62 7.08 -7.35
N GLU C 44 14.89 5.95 -7.99
CA GLU C 44 13.82 5.00 -8.34
C GLU C 44 14.14 3.60 -7.86
N TRP C 45 13.12 2.87 -7.45
CA TRP C 45 13.31 1.51 -6.96
C TRP C 45 13.16 0.58 -8.14
N ILE C 46 14.22 -0.15 -8.46
CA ILE C 46 14.22 -1.10 -9.57
C ILE C 46 13.49 -2.38 -9.17
N GLY C 47 13.89 -2.97 -8.06
CA GLY C 47 13.28 -4.20 -7.53
C GLY C 47 14.07 -4.82 -6.38
N ALA C 48 13.64 -5.99 -5.91
CA ALA C 48 14.44 -6.70 -4.88
C ALA C 48 14.43 -8.22 -5.01
N VAL C 49 15.41 -8.85 -4.36
CA VAL C 49 15.56 -10.30 -4.37
C VAL C 49 15.82 -10.82 -2.96
N SER C 50 15.16 -11.92 -2.62
CA SER C 50 15.40 -12.63 -1.37
C SER C 50 16.44 -13.72 -1.60
N PRO C 51 17.53 -13.69 -0.85
CA PRO C 51 18.69 -14.55 -1.15
C PRO C 51 18.41 -16.03 -0.92
N GLY C 52 17.66 -16.37 0.13
CA GLY C 52 17.27 -17.75 0.37
C GLY C 52 16.82 -18.52 -0.86
N ASN C 53 15.63 -18.16 -1.38
CA ASN C 53 14.93 -18.91 -2.42
C ASN C 53 14.89 -18.08 -3.70
N SER C 54 15.71 -17.04 -3.77
CA SER C 54 15.75 -16.18 -4.96
C SER C 54 14.38 -15.61 -5.45
N ASP C 55 13.45 -15.33 -4.55
CA ASP C 55 12.19 -14.65 -4.89
C ASP C 55 12.48 -13.23 -5.33
N THR C 56 11.77 -12.77 -6.37
CA THR C 56 12.01 -11.42 -6.88
C THR C 56 10.79 -10.54 -6.90
N SER C 57 11.02 -9.25 -7.01
CA SER C 57 9.96 -8.30 -7.21
C SER C 57 10.55 -7.15 -8.01
N TYR C 58 9.86 -6.77 -9.08
CA TYR C 58 10.37 -5.75 -10.00
C TYR C 58 9.37 -4.61 -10.08
N ASN C 59 9.90 -3.40 -10.25
CA ASN C 59 9.10 -2.22 -10.56
C ASN C 59 8.65 -2.39 -12.01
N GLU C 60 7.33 -2.23 -12.28
CA GLU C 60 6.82 -2.31 -13.64
C GLU C 60 7.63 -1.46 -14.61
N LYS C 61 8.10 -0.30 -14.15
CA LYS C 61 8.95 0.59 -14.96
C LYS C 61 10.24 -0.09 -15.40
N PHE C 62 10.74 -1.04 -14.60
CA PHE C 62 11.98 -1.72 -14.95
C PHE C 62 11.75 -3.19 -15.26
N LYS C 63 10.48 -3.56 -15.38
CA LYS C 63 10.12 -4.94 -15.64
C LYS C 63 10.70 -5.36 -16.98
N GLY C 64 11.67 -6.27 -16.93
CA GLY C 64 12.29 -6.77 -18.14
C GLY C 64 13.61 -6.12 -18.46
N LYS C 65 13.71 -4.80 -18.25
CA LYS C 65 14.99 -4.12 -18.36
C LYS C 65 16.01 -4.72 -17.39
N ALA C 66 15.53 -5.19 -16.25
CA ALA C 66 16.42 -5.68 -15.20
C ALA C 66 16.07 -7.11 -14.78
N THR C 67 17.11 -7.86 -14.39
CA THR C 67 16.88 -9.19 -13.85
C THR C 67 17.82 -9.42 -12.66
N LEU C 68 17.23 -9.72 -11.52
CA LEU C 68 18.01 -9.83 -10.30
C LEU C 68 18.22 -11.31 -10.02
N THR C 69 19.40 -11.66 -9.54
CA THR C 69 19.70 -13.03 -9.11
C THR C 69 20.62 -12.98 -7.91
N VAL C 70 20.95 -14.15 -7.36
CA VAL C 70 21.76 -14.17 -6.15
C VAL C 70 22.68 -15.39 -6.09
N ASP C 71 23.87 -15.20 -5.51
CA ASP C 71 24.79 -16.28 -5.18
C ASP C 71 24.97 -16.35 -3.66
N LYS C 72 24.25 -17.27 -3.02
CA LYS C 72 24.33 -17.45 -1.56
C LYS C 72 25.74 -17.80 -1.11
N SER C 73 26.40 -18.66 -1.88
CA SER C 73 27.79 -19.02 -1.63
C SER C 73 28.66 -17.79 -1.41
N ALA C 74 28.75 -16.94 -2.42
CA ALA C 74 29.63 -15.76 -2.38
C ALA C 74 29.03 -14.56 -1.64
N SER C 75 27.84 -14.74 -1.05
CA SER C 75 27.07 -13.64 -0.43
C SER C 75 26.99 -12.43 -1.37
N THR C 76 26.47 -12.65 -2.57
CA THR C 76 26.53 -11.63 -3.59
C THR C 76 25.24 -11.56 -4.38
N ALA C 77 24.79 -10.35 -4.67
CA ALA C 77 23.63 -10.16 -5.52
C ALA C 77 24.04 -9.57 -6.86
N TYR C 78 23.28 -9.87 -7.89
CA TYR C 78 23.64 -9.44 -9.23
C TYR C 78 22.46 -8.76 -9.84
N MET C 79 22.72 -7.67 -10.58
CA MET C 79 21.70 -7.03 -11.41
C MET C 79 22.13 -6.99 -12.87
N GLU C 80 21.23 -7.40 -13.75
CA GLU C 80 21.53 -7.47 -15.16
C GLU C 80 20.62 -6.55 -15.94
N LEU C 81 21.22 -5.50 -16.51
CA LEU C 81 20.49 -4.50 -17.27
C LEU C 81 20.65 -4.74 -18.76
N SER C 82 19.54 -5.02 -19.44
CA SER C 82 19.59 -5.44 -20.83
C SER C 82 18.89 -4.48 -21.80
N SER C 83 19.15 -4.66 -23.09
CA SER C 83 18.60 -3.80 -24.13
C SER C 83 18.85 -2.34 -23.81
N LEU C 84 20.10 -2.03 -23.49
CA LEU C 84 20.47 -0.74 -22.92
C LEU C 84 20.26 0.44 -23.88
N ARG C 85 19.85 1.56 -23.30
CA ARG C 85 19.68 2.83 -23.99
C ARG C 85 20.45 3.90 -23.22
N SER C 86 20.57 5.10 -23.77
CA SER C 86 21.36 6.12 -23.08
C SER C 86 20.59 6.68 -21.88
N GLU C 87 19.29 6.40 -21.83
CA GLU C 87 18.45 6.84 -20.73
C GLU C 87 18.74 6.04 -19.47
N ASP C 88 19.23 4.82 -19.64
CA ASP C 88 19.61 3.97 -18.52
C ASP C 88 20.93 4.44 -17.91
N THR C 89 21.51 5.50 -18.46
CA THR C 89 22.71 6.08 -17.84
C THR C 89 22.34 6.58 -16.47
N ALA C 90 23.02 6.05 -15.45
CA ALA C 90 22.68 6.32 -14.05
C ALA C 90 23.73 5.73 -13.11
N VAL C 91 23.60 6.06 -11.83
CA VAL C 91 24.29 5.29 -10.82
C VAL C 91 23.27 4.31 -10.27
N TYR C 92 23.69 3.06 -10.14
CA TYR C 92 22.84 2.00 -9.60
C TYR C 92 23.36 1.54 -8.25
N TYR C 93 22.46 1.51 -7.26
CA TYR C 93 22.81 1.09 -5.90
C TYR C 93 22.19 -0.24 -5.51
N CYS C 94 22.87 -0.97 -4.62
CA CYS C 94 22.25 -2.05 -3.88
C CYS C 94 22.05 -1.60 -2.45
N THR C 95 21.00 -2.09 -1.85
CA THR C 95 20.76 -1.78 -0.47
C THR C 95 19.96 -2.93 0.08
N ARG C 96 19.58 -2.89 1.34
CA ARG C 96 18.98 -4.07 1.97
C ARG C 96 17.79 -3.69 2.83
N SER C 97 16.94 -4.65 3.14
CA SER C 97 15.92 -4.47 4.15
C SER C 97 15.87 -5.73 5.02
N ARG C 98 15.43 -5.59 6.26
CA ARG C 98 15.25 -6.72 7.17
C ARG C 98 13.76 -6.86 7.51
N TYR C 99 13.20 -8.02 7.21
CA TYR C 99 11.78 -8.26 7.39
C TYR C 99 11.23 -7.82 8.76
N GLY C 100 11.95 -7.99 9.85
CA GLY C 100 11.54 -7.42 11.13
C GLY C 100 10.68 -6.14 11.04
N ASN C 101 11.20 -4.91 10.91
CA ASN C 101 12.46 -4.32 11.38
C ASN C 101 12.77 -3.08 10.55
N ASN C 102 14.04 -2.96 10.20
CA ASN C 102 14.58 -1.84 9.44
C ASN C 102 14.68 -2.31 7.97
N ALA C 103 14.94 -1.53 6.93
CA ALA C 103 15.31 -0.12 6.80
C ALA C 103 15.61 -0.08 5.35
N LEU C 104 16.35 0.96 4.97
CA LEU C 104 17.30 0.90 3.85
C LEU C 104 18.57 1.54 4.45
N ASP C 105 19.17 0.88 5.45
CA ASP C 105 20.24 1.49 6.22
C ASP C 105 21.56 1.50 5.47
N TYR C 106 22.09 0.35 5.08
CA TYR C 106 23.39 0.31 4.36
C TYR C 106 23.17 0.32 2.87
N TRP C 107 23.92 1.16 2.16
CA TRP C 107 23.87 1.15 0.69
C TRP C 107 25.24 0.83 0.15
N GLY C 108 25.31 0.15 -0.99
CA GLY C 108 26.57 0.03 -1.69
C GLY C 108 27.09 1.40 -2.13
N GLN C 109 28.34 1.47 -2.58
CA GLN C 109 28.92 2.75 -2.96
C GLN C 109 28.42 3.19 -4.34
N GLY C 110 27.68 2.29 -4.99
CA GLY C 110 27.12 2.57 -6.30
C GLY C 110 28.01 2.23 -7.47
N THR C 111 27.37 1.87 -8.59
CA THR C 111 28.04 1.55 -9.83
C THR C 111 27.60 2.46 -10.98
N LEU C 112 28.50 3.29 -11.49
CA LEU C 112 28.15 4.16 -12.61
C LEU C 112 28.08 3.40 -13.95
N VAL C 113 26.90 3.37 -14.57
CA VAL C 113 26.72 2.73 -15.88
C VAL C 113 26.43 3.77 -16.96
N THR C 114 27.42 4.07 -17.80
CA THR C 114 27.28 5.08 -18.86
C THR C 114 27.01 4.44 -20.23
N VAL C 115 25.91 4.85 -20.85
CA VAL C 115 25.49 4.29 -22.13
C VAL C 115 25.50 5.32 -23.28
N SER C 116 26.45 5.19 -24.21
CA SER C 116 26.62 6.18 -25.27
C SER C 116 27.07 5.57 -26.58
N SER C 117 26.44 5.99 -27.68
CA SER C 117 26.88 5.61 -29.01
C SER C 117 28.33 6.04 -29.20
N ALA C 118 28.62 7.24 -28.70
CA ALA C 118 29.95 7.85 -28.77
C ALA C 118 31.05 6.87 -28.39
N SER C 119 32.18 6.96 -29.08
CA SER C 119 33.33 6.13 -28.77
C SER C 119 34.39 6.99 -28.09
N THR C 120 35.38 6.34 -27.47
CA THR C 120 36.41 7.05 -26.72
C THR C 120 37.05 8.13 -27.56
N LYS C 121 37.13 9.32 -26.99
CA LYS C 121 37.87 10.45 -27.60
C LYS C 121 38.63 11.20 -26.52
N GLY C 122 39.76 11.79 -26.89
CA GLY C 122 40.48 12.65 -25.97
C GLY C 122 39.96 14.08 -26.03
N PRO C 123 40.26 14.86 -24.99
CA PRO C 123 39.87 16.27 -24.89
C PRO C 123 40.46 17.18 -25.99
N SER C 124 40.35 18.48 -25.78
CA SER C 124 40.93 19.49 -26.67
C SER C 124 41.12 20.78 -25.89
N VAL C 125 42.02 20.74 -24.92
CA VAL C 125 42.19 21.86 -23.99
C VAL C 125 42.46 23.17 -24.71
N PHE C 126 41.55 24.11 -24.54
CA PHE C 126 41.68 25.44 -25.10
C PHE C 126 41.82 26.46 -23.97
N PRO C 127 42.68 27.46 -24.17
CA PRO C 127 42.96 28.49 -23.15
C PRO C 127 41.87 29.56 -23.03
N LEU C 128 41.44 29.79 -21.79
CA LEU C 128 40.58 30.94 -21.48
C LEU C 128 41.49 32.07 -21.03
N ALA C 129 41.82 32.93 -21.98
CA ALA C 129 42.83 33.98 -21.78
C ALA C 129 42.35 35.13 -20.91
N PRO C 130 43.21 35.57 -19.97
CA PRO C 130 42.90 36.73 -19.11
C PRO C 130 42.83 38.02 -19.92
N SER C 131 41.69 38.70 -19.88
CA SER C 131 41.51 39.93 -20.64
C SER C 131 42.37 41.07 -20.08
N SER C 132 42.50 42.14 -20.86
CA SER C 132 43.40 43.25 -20.53
C SER C 132 42.92 44.06 -19.32
N LYS C 133 41.69 43.78 -18.90
CA LYS C 133 40.94 44.71 -18.07
C LYS C 133 39.78 44.00 -17.35
N SER C 134 39.54 44.31 -16.07
CA SER C 134 40.37 45.24 -15.30
C SER C 134 40.68 44.69 -13.89
N THR C 135 39.69 44.32 -13.06
CA THR C 135 38.24 44.42 -13.30
C THR C 135 37.64 45.52 -12.41
N SER C 136 37.39 45.17 -11.14
CA SER C 136 37.08 46.16 -10.11
C SER C 136 38.32 46.28 -9.22
N GLY C 137 39.38 46.84 -9.80
CA GLY C 137 40.71 46.77 -9.21
C GLY C 137 41.27 45.39 -9.48
N GLY C 138 41.69 44.70 -8.43
CA GLY C 138 41.96 43.28 -8.52
C GLY C 138 40.66 42.51 -8.40
N THR C 139 40.68 41.24 -8.76
CA THR C 139 41.87 40.58 -9.27
C THR C 139 41.64 40.19 -10.74
N ALA C 140 42.30 39.13 -11.19
CA ALA C 140 42.14 38.68 -12.58
C ALA C 140 41.90 37.16 -12.64
N ALA C 141 41.20 36.71 -13.68
CA ALA C 141 40.84 35.30 -13.77
C ALA C 141 41.17 34.70 -15.14
N LEU C 142 41.59 33.44 -15.13
CA LEU C 142 41.91 32.71 -16.35
C LEU C 142 41.60 31.22 -16.18
N GLY C 143 41.62 30.47 -17.28
CA GLY C 143 41.31 29.05 -17.23
C GLY C 143 41.52 28.26 -18.51
N CYS C 144 41.11 26.98 -18.47
CA CYS C 144 41.16 26.10 -19.63
C CYS C 144 39.81 25.52 -19.95
N LEU C 145 39.43 25.58 -21.21
CA LEU C 145 38.21 24.91 -21.65
C LEU C 145 38.53 23.51 -22.18
N VAL C 146 38.24 22.49 -21.37
CA VAL C 146 38.51 21.12 -21.77
C VAL C 146 37.35 20.58 -22.62
N LYS C 147 37.38 20.86 -23.91
CA LYS C 147 36.26 20.60 -24.80
C LYS C 147 36.32 19.25 -25.52
N ASP C 148 35.16 18.58 -25.56
CA ASP C 148 34.94 17.39 -26.39
C ASP C 148 35.82 16.19 -26.04
N TYR C 149 35.53 15.56 -24.89
CA TYR C 149 36.20 14.33 -24.45
C TYR C 149 35.16 13.27 -24.12
N PHE C 150 35.57 12.00 -24.21
CA PHE C 150 34.71 10.87 -23.83
C PHE C 150 35.52 9.70 -23.33
N PRO C 151 35.08 9.08 -22.23
CA PRO C 151 34.04 9.62 -21.36
C PRO C 151 34.69 10.23 -20.12
N GLU C 152 33.90 10.58 -19.12
CA GLU C 152 34.48 11.14 -17.89
C GLU C 152 35.27 10.08 -17.12
N PRO C 153 36.22 10.49 -16.27
CA PRO C 153 36.54 11.87 -15.88
C PRO C 153 37.76 12.48 -16.58
N VAL C 154 38.00 13.75 -16.32
CA VAL C 154 39.27 14.37 -16.62
C VAL C 154 39.74 15.03 -15.33
N THR C 155 41.03 14.99 -15.06
CA THR C 155 41.57 15.65 -13.89
C THR C 155 42.36 16.88 -14.30
N VAL C 156 41.92 18.04 -13.85
CA VAL C 156 42.63 19.26 -14.13
C VAL C 156 43.27 19.81 -12.87
N SER C 157 44.60 19.93 -12.88
CA SER C 157 45.28 20.67 -11.85
C SER C 157 46.00 21.85 -12.48
N TRP C 158 46.55 22.71 -11.62
CA TRP C 158 47.25 23.91 -12.08
C TRP C 158 48.59 24.01 -11.40
N ASN C 159 49.65 24.11 -12.20
CA ASN C 159 51.02 24.11 -11.69
C ASN C 159 51.25 22.89 -10.79
N SER C 160 50.50 21.83 -11.05
CA SER C 160 50.58 20.58 -10.28
C SER C 160 50.76 20.81 -8.77
N GLY C 161 49.73 21.33 -8.12
CA GLY C 161 49.74 21.47 -6.68
C GLY C 161 50.19 22.81 -6.15
N ALA C 162 50.87 23.58 -6.99
CA ALA C 162 51.32 24.91 -6.62
C ALA C 162 50.19 25.91 -6.68
N LEU C 163 49.00 25.41 -7.04
CA LEU C 163 47.81 26.23 -7.19
C LEU C 163 46.57 25.45 -6.76
N THR C 164 46.54 25.05 -5.48
CA THR C 164 45.38 24.34 -4.94
C THR C 164 44.33 25.36 -4.49
N SER C 165 44.70 26.64 -4.54
CA SER C 165 43.82 27.72 -4.08
C SER C 165 43.11 28.43 -5.21
N GLY C 166 42.03 29.14 -4.88
CA GLY C 166 41.29 29.96 -5.83
C GLY C 166 40.83 29.27 -7.09
N VAL C 167 41.05 27.96 -7.16
CA VAL C 167 40.75 27.19 -8.36
C VAL C 167 39.34 26.62 -8.33
N HIS C 168 38.65 26.70 -9.46
CA HIS C 168 37.34 26.06 -9.63
C HIS C 168 37.33 25.22 -10.89
N THR C 169 37.44 23.91 -10.72
CA THR C 169 37.35 22.97 -11.83
C THR C 169 35.92 22.45 -11.89
N PHE C 170 35.13 23.03 -12.79
CA PHE C 170 33.69 22.79 -12.85
C PHE C 170 33.34 21.33 -13.16
N PRO C 171 32.10 20.94 -12.85
CA PRO C 171 31.53 19.68 -13.33
C PRO C 171 31.35 19.68 -14.85
N ALA C 172 31.34 18.51 -15.46
CA ALA C 172 31.19 18.40 -16.91
C ALA C 172 29.78 18.77 -17.35
N VAL C 173 29.54 18.61 -18.65
CA VAL C 173 28.21 18.78 -19.20
C VAL C 173 28.19 17.98 -20.48
N LEU C 174 27.11 17.25 -20.71
CA LEU C 174 27.02 16.46 -21.92
C LEU C 174 26.39 17.28 -23.03
N GLN C 175 27.18 17.65 -24.04
CA GLN C 175 26.65 18.36 -25.18
C GLN C 175 25.88 17.41 -26.08
N SER C 176 24.97 17.95 -26.87
CA SER C 176 24.51 17.26 -28.06
C SER C 176 25.78 16.91 -28.81
N SER C 177 25.74 15.82 -29.58
CA SER C 177 26.89 15.12 -30.14
C SER C 177 27.31 14.03 -29.15
N GLY C 178 26.72 14.06 -27.97
CA GLY C 178 27.07 13.12 -26.91
C GLY C 178 28.52 13.23 -26.47
N LEU C 179 29.02 14.46 -26.37
CA LEU C 179 30.38 14.66 -25.92
C LEU C 179 30.47 15.68 -24.79
N TYR C 180 31.34 15.43 -23.83
CA TYR C 180 31.43 16.26 -22.62
C TYR C 180 32.33 17.47 -22.80
N SER C 181 32.00 18.55 -22.10
CA SER C 181 32.84 19.75 -22.02
C SER C 181 33.09 20.05 -20.57
N LEU C 182 34.23 20.66 -20.29
CA LEU C 182 34.54 21.04 -18.94
C LEU C 182 35.31 22.34 -18.99
N SER C 183 35.20 23.14 -17.94
CA SER C 183 35.95 24.38 -17.86
C SER C 183 36.55 24.53 -16.49
N SER C 184 37.86 24.65 -16.41
CA SER C 184 38.46 24.96 -15.12
C SER C 184 38.82 26.44 -15.07
N VAL C 185 38.89 26.97 -13.85
CA VAL C 185 39.12 28.39 -13.64
C VAL C 185 39.99 28.59 -12.42
N VAL C 186 40.89 29.57 -12.47
CA VAL C 186 41.59 30.05 -11.28
C VAL C 186 41.53 31.57 -11.25
N THR C 187 41.55 32.13 -10.04
CA THR C 187 41.60 33.57 -9.86
C THR C 187 42.96 33.97 -9.31
N VAL C 188 43.67 34.80 -10.07
CA VAL C 188 45.01 35.25 -9.72
C VAL C 188 45.05 36.77 -9.57
N PRO C 189 45.88 37.28 -8.63
CA PRO C 189 46.04 38.72 -8.41
C PRO C 189 46.23 39.53 -9.70
N SER C 190 45.58 40.69 -9.78
CA SER C 190 45.60 41.51 -10.98
C SER C 190 47.01 41.97 -11.36
N SER C 191 47.91 41.98 -10.38
CA SER C 191 49.29 42.41 -10.60
C SER C 191 50.10 41.37 -11.40
N SER C 192 50.52 40.31 -10.73
CA SER C 192 51.35 39.29 -11.37
C SER C 192 50.56 38.43 -12.34
N LEU C 193 50.21 38.99 -13.50
CA LEU C 193 49.55 38.23 -14.56
C LEU C 193 50.56 37.94 -15.66
N GLY C 194 51.81 38.28 -15.38
CA GLY C 194 52.91 38.02 -16.29
C GLY C 194 54.21 37.72 -15.55
N THR C 195 54.08 37.20 -14.33
CA THR C 195 55.23 36.86 -13.51
C THR C 195 55.22 35.36 -13.21
N GLN C 196 54.03 34.77 -13.20
CA GLN C 196 53.88 33.35 -12.93
C GLN C 196 53.43 32.60 -14.19
N THR C 197 53.84 31.35 -14.31
CA THR C 197 53.52 30.54 -15.48
C THR C 197 52.48 29.45 -15.16
N TYR C 198 51.27 29.61 -15.71
CA TYR C 198 50.16 28.72 -15.38
C TYR C 198 49.91 27.70 -16.49
N ILE C 199 50.08 26.43 -16.17
CA ILE C 199 49.84 25.37 -17.15
C ILE C 199 48.78 24.41 -16.64
N CYS C 200 47.78 24.16 -17.48
CA CYS C 200 46.74 23.20 -17.18
C CYS C 200 47.29 21.80 -17.26
N ASN C 201 47.08 21.05 -16.18
CA ASN C 201 47.64 19.72 -16.06
C ASN C 201 46.49 18.71 -16.19
N VAL C 202 45.80 18.80 -17.32
CA VAL C 202 44.67 17.94 -17.61
C VAL C 202 45.18 16.57 -18.02
N ASN C 203 44.65 15.52 -17.40
CA ASN C 203 44.87 14.17 -17.90
C ASN C 203 43.55 13.41 -17.90
N HIS C 204 43.39 12.58 -18.92
CA HIS C 204 42.13 11.88 -19.14
C HIS C 204 42.42 10.39 -19.36
N LYS C 205 42.55 9.64 -18.26
CA LYS C 205 42.91 8.22 -18.28
C LYS C 205 42.13 7.28 -19.25
N PRO C 206 40.83 7.53 -19.52
CA PRO C 206 40.10 6.69 -20.49
C PRO C 206 40.76 6.45 -21.87
N SER C 207 41.66 7.35 -22.26
CA SER C 207 42.68 7.08 -23.26
C SER C 207 43.97 7.60 -22.61
N ASN C 208 45.11 7.54 -23.27
CA ASN C 208 46.29 8.07 -22.59
C ASN C 208 46.56 9.50 -23.05
N THR C 209 45.64 10.41 -22.71
CA THR C 209 45.79 11.82 -23.06
C THR C 209 46.10 12.68 -21.85
N LYS C 210 47.36 13.08 -21.73
CA LYS C 210 47.78 14.04 -20.73
C LYS C 210 48.22 15.31 -21.46
N VAL C 211 47.50 16.40 -21.26
CA VAL C 211 47.78 17.62 -21.99
C VAL C 211 48.24 18.71 -21.03
N ASP C 212 49.34 19.37 -21.40
CA ASP C 212 49.75 20.60 -20.76
C ASP C 212 49.34 21.74 -21.68
N LYS C 213 49.11 22.91 -21.10
CA LYS C 213 48.79 24.10 -21.88
C LYS C 213 48.87 25.34 -21.01
N ARG C 214 49.54 26.37 -21.51
CA ARG C 214 49.72 27.59 -20.75
C ARG C 214 48.77 28.66 -21.28
N VAL C 215 48.54 29.70 -20.46
CA VAL C 215 47.55 30.71 -20.77
C VAL C 215 48.11 32.12 -20.57
N GLU C 216 47.97 32.96 -21.61
CA GLU C 216 48.49 34.34 -21.60
C GLU C 216 47.58 35.34 -22.31
N PRO C 217 47.70 36.64 -21.97
CA PRO C 217 47.05 37.69 -22.76
C PRO C 217 47.54 37.67 -24.22
N LYS C 218 46.65 37.90 -25.18
CA LYS C 218 46.99 37.67 -26.59
C LYS C 218 47.32 38.94 -27.39
N SER C 219 46.69 40.06 -27.03
CA SER C 219 47.00 41.40 -27.57
C SER C 219 46.54 41.69 -29.02
N CYS C 220 45.39 41.15 -29.41
CA CYS C 220 44.79 41.47 -30.70
C CYS C 220 43.28 41.68 -30.52
N ASP C 221 42.58 42.02 -31.61
CA ASP C 221 41.12 42.13 -31.58
C ASP C 221 40.45 40.91 -32.20
N ASP D 1 1.54 4.83 -8.30
CA ASP D 1 2.64 5.12 -7.40
C ASP D 1 2.26 6.20 -6.40
N ILE D 2 2.66 5.98 -5.16
CA ILE D 2 2.52 7.00 -4.15
C ILE D 2 3.51 8.08 -4.49
N GLN D 3 3.03 9.33 -4.42
CA GLN D 3 3.88 10.48 -4.71
C GLN D 3 4.31 10.99 -3.36
N LEU D 4 5.61 11.23 -3.20
CA LEU D 4 6.12 11.82 -1.98
C LEU D 4 6.64 13.23 -2.28
N THR D 5 6.27 14.19 -1.45
CA THR D 5 6.64 15.58 -1.74
C THR D 5 7.35 16.20 -0.56
N GLN D 6 8.60 16.61 -0.77
CA GLN D 6 9.39 17.16 0.32
C GLN D 6 9.40 18.68 0.36
N SER D 7 9.36 19.23 1.57
CA SER D 7 9.42 20.67 1.78
C SER D 7 10.41 21.01 2.86
N PRO D 8 11.27 22.00 2.60
CA PRO D 8 11.35 22.68 1.30
C PRO D 8 12.26 21.93 0.35
N SER D 9 12.45 22.40 -0.88
CA SER D 9 13.38 21.72 -1.81
C SER D 9 14.82 22.06 -1.44
N SER D 10 15.01 23.25 -0.89
CA SER D 10 16.32 23.73 -0.46
C SER D 10 16.14 24.56 0.81
N LEU D 11 17.16 24.52 1.68
CA LEU D 11 17.10 25.06 3.04
C LEU D 11 18.48 25.53 3.44
N SER D 12 18.57 26.72 4.03
CA SER D 12 19.86 27.28 4.41
C SER D 12 19.90 27.53 5.91
N ALA D 13 20.95 27.07 6.55
CA ALA D 13 21.01 27.14 8.00
C ALA D 13 22.46 27.13 8.48
N SER D 14 22.66 27.14 9.79
CA SER D 14 24.01 27.26 10.36
C SER D 14 24.17 26.30 11.53
N VAL D 15 25.41 25.92 11.83
CA VAL D 15 25.71 25.06 12.96
C VAL D 15 24.95 25.51 14.18
N GLY D 16 24.29 24.58 14.87
CA GLY D 16 23.51 24.93 16.04
C GLY D 16 22.01 24.97 15.82
N ASP D 17 21.57 25.46 14.66
CA ASP D 17 20.14 25.55 14.31
C ASP D 17 19.33 24.25 14.39
N ARG D 18 18.15 24.33 15.01
CA ARG D 18 17.16 23.28 14.87
C ARG D 18 16.57 23.39 13.47
N VAL D 19 16.59 22.27 12.75
CA VAL D 19 16.11 22.22 11.38
C VAL D 19 14.98 21.20 11.27
N THR D 20 13.98 21.50 10.44
CA THR D 20 12.91 20.53 10.17
C THR D 20 12.62 20.44 8.68
N ILE D 21 12.64 19.20 8.20
CA ILE D 21 12.36 18.84 6.83
C ILE D 21 11.01 18.16 6.86
N THR D 22 10.19 18.32 5.82
CA THR D 22 8.96 17.52 5.78
C THR D 22 8.70 16.78 4.47
N CYS D 23 7.79 15.82 4.59
CA CYS D 23 7.44 14.87 3.57
C CYS D 23 5.94 14.62 3.65
N ARG D 24 5.23 14.84 2.55
CA ARG D 24 3.81 14.54 2.43
C ARG D 24 3.50 13.47 1.37
N ALA D 25 2.90 12.37 1.80
CA ALA D 25 2.53 11.27 0.90
C ALA D 25 1.11 11.50 0.37
N SER D 26 0.91 11.09 -0.89
CA SER D 26 -0.35 11.36 -1.55
C SER D 26 -1.49 10.53 -0.99
N GLN D 27 -1.18 9.70 0.01
CA GLN D 27 -2.15 8.86 0.74
C GLN D 27 -1.48 8.30 1.99
N GLY D 28 -2.28 7.84 2.94
CA GLY D 28 -1.77 7.30 4.20
C GLY D 28 -0.80 6.14 4.04
N ILE D 29 0.38 6.27 4.64
CA ILE D 29 1.39 5.26 4.48
C ILE D 29 1.78 4.62 5.79
N SER D 30 1.04 4.88 6.86
CA SER D 30 1.14 4.07 8.09
C SER D 30 2.54 4.01 8.68
N SER D 31 3.28 5.10 8.53
CA SER D 31 4.63 5.27 9.07
C SER D 31 5.69 4.42 8.37
N ASN D 32 5.32 3.69 7.33
CA ASN D 32 6.32 2.97 6.56
C ASN D 32 7.12 3.96 5.72
N ILE D 33 7.95 4.75 6.42
CA ILE D 33 8.78 5.79 5.82
C ILE D 33 10.23 5.67 6.29
N VAL D 34 11.17 5.88 5.37
CA VAL D 34 12.59 5.93 5.73
C VAL D 34 13.14 7.31 5.37
N TRP D 35 14.01 7.86 6.20
CA TRP D 35 14.75 9.06 5.82
C TRP D 35 16.18 8.71 5.47
N LEU D 36 16.67 9.31 4.40
CA LEU D 36 18.03 9.07 3.93
C LEU D 36 18.87 10.34 3.97
N GLN D 37 20.18 10.14 4.03
CA GLN D 37 21.10 11.24 3.88
C GLN D 37 22.07 10.88 2.76
N GLN D 38 22.37 11.83 1.88
CA GLN D 38 23.32 11.60 0.80
C GLN D 38 24.18 12.81 0.59
N LYS D 39 25.48 12.63 0.80
CA LYS D 39 26.43 13.69 0.49
C LYS D 39 26.81 13.56 -0.97
N PRO D 40 27.24 14.66 -1.61
CA PRO D 40 27.50 14.50 -3.05
C PRO D 40 28.73 13.61 -3.32
N GLY D 41 28.67 12.85 -4.40
CA GLY D 41 29.69 11.87 -4.72
C GLY D 41 29.45 10.52 -4.05
N LYS D 42 28.79 10.56 -2.89
CA LYS D 42 28.69 9.40 -2.03
C LYS D 42 27.31 8.72 -2.07
N ALA D 43 27.19 7.59 -1.38
CA ALA D 43 25.96 6.81 -1.40
C ALA D 43 25.00 7.23 -0.28
N PRO D 44 23.69 6.95 -0.44
CA PRO D 44 22.78 7.24 0.68
C PRO D 44 23.18 6.46 1.95
N LYS D 45 22.70 6.94 3.10
CA LYS D 45 22.78 6.25 4.38
C LYS D 45 21.43 6.35 5.01
N GLY D 46 20.89 5.23 5.48
CA GLY D 46 19.61 5.23 6.15
C GLY D 46 19.78 5.97 7.46
N LEU D 47 18.88 6.90 7.76
CA LEU D 47 18.93 7.60 9.04
C LEU D 47 17.86 7.13 10.01
N ILE D 48 16.64 7.00 9.48
CA ILE D 48 15.43 6.75 10.25
C ILE D 48 14.61 5.73 9.50
N TYR D 49 14.13 4.70 10.19
CA TYR D 49 13.23 3.74 9.56
C TYR D 49 11.93 3.66 10.32
N HIS D 50 10.87 3.40 9.57
CA HIS D 50 9.51 3.26 10.08
C HIS D 50 9.12 4.47 10.90
N GLY D 51 9.35 5.64 10.32
CA GLY D 51 8.82 6.86 10.87
C GLY D 51 9.69 7.47 11.94
N THR D 52 10.05 6.66 12.96
CA THR D 52 10.62 7.16 14.21
C THR D 52 11.82 6.42 14.73
N ASN D 53 12.27 5.39 14.05
CA ASN D 53 13.34 4.57 14.61
C ASN D 53 14.68 4.94 14.02
N LEU D 54 15.63 5.27 14.90
CA LEU D 54 17.00 5.53 14.47
C LEU D 54 17.75 4.31 13.95
N GLU D 55 18.59 4.52 12.95
CA GLU D 55 19.50 3.47 12.55
C GLU D 55 20.63 3.42 13.57
N SER D 56 21.31 2.29 13.66
CA SER D 56 22.45 2.22 14.54
C SER D 56 23.51 3.19 14.05
N GLY D 57 24.23 3.80 14.98
CA GLY D 57 25.25 4.76 14.63
C GLY D 57 24.74 6.18 14.53
N VAL D 58 23.51 6.36 14.05
CA VAL D 58 22.96 7.67 13.77
C VAL D 58 22.88 8.54 15.03
N PRO D 59 23.62 9.66 15.05
CA PRO D 59 23.60 10.55 16.21
C PRO D 59 22.18 11.03 16.56
N SER D 60 21.95 11.29 17.84
CA SER D 60 20.61 11.48 18.40
C SER D 60 19.92 12.84 18.12
N ARG D 61 20.65 13.80 17.57
CA ARG D 61 20.03 15.05 17.18
C ARG D 61 18.98 14.83 16.04
N PHE D 62 19.09 13.68 15.38
CA PHE D 62 18.18 13.26 14.31
C PHE D 62 16.97 12.60 14.91
N SER D 63 15.78 12.95 14.44
CA SER D 63 14.58 12.25 14.89
C SER D 63 13.45 12.46 13.88
N GLY D 64 12.62 11.45 13.71
CA GLY D 64 11.51 11.57 12.80
C GLY D 64 10.21 11.39 13.52
N SER D 65 9.14 11.86 12.92
CA SER D 65 7.82 11.76 13.54
C SER D 65 6.80 11.95 12.43
N GLY D 66 5.52 11.83 12.78
CA GLY D 66 4.46 11.96 11.79
C GLY D 66 3.52 10.77 11.79
N SER D 67 2.42 10.89 11.05
CA SER D 67 1.48 9.79 10.85
C SER D 67 0.67 10.04 9.59
N GLY D 68 -0.08 9.04 9.14
CA GLY D 68 -0.86 9.18 7.93
C GLY D 68 -0.03 9.64 6.76
N THR D 69 -0.31 10.83 6.26
CA THR D 69 0.35 11.35 5.07
C THR D 69 1.53 12.27 5.36
N ASP D 70 1.68 12.71 6.60
CA ASP D 70 2.65 13.78 6.91
C ASP D 70 3.76 13.38 7.86
N TYR D 71 5.01 13.59 7.45
CA TYR D 71 6.14 13.18 8.28
C TYR D 71 7.22 14.28 8.27
N THR D 72 7.95 14.37 9.36
CA THR D 72 9.03 15.32 9.44
C THR D 72 10.25 14.67 10.03
N LEU D 73 11.40 15.06 9.52
CA LEU D 73 12.68 14.74 10.14
C LEU D 73 13.18 16.01 10.82
N THR D 74 13.69 15.89 12.03
CA THR D 74 14.12 17.05 12.77
C THR D 74 15.54 16.91 13.29
N ILE D 75 16.42 17.82 12.88
CA ILE D 75 17.76 17.91 13.47
C ILE D 75 17.80 19.02 14.51
N SER D 76 18.06 18.65 15.75
CA SER D 76 17.82 19.57 16.86
C SER D 76 18.89 20.65 16.96
N SER D 77 20.14 20.26 16.71
CA SER D 77 21.24 21.21 16.61
C SER D 77 22.17 20.75 15.50
N LEU D 78 22.10 21.41 14.37
CA LEU D 78 22.90 21.05 13.21
C LEU D 78 24.42 21.01 13.49
N GLU D 79 25.08 20.02 12.90
CA GLU D 79 26.52 19.88 12.96
C GLU D 79 27.08 20.13 11.57
N PRO D 80 28.39 20.45 11.46
CA PRO D 80 28.97 20.67 10.11
C PRO D 80 28.84 19.43 9.24
N GLU D 81 28.74 18.28 9.90
CA GLU D 81 28.63 16.98 9.24
C GLU D 81 27.28 16.78 8.58
N ASP D 82 26.31 17.58 9.02
CA ASP D 82 24.91 17.39 8.64
C ASP D 82 24.48 18.16 7.40
N PHE D 83 25.38 18.90 6.76
CA PHE D 83 24.95 19.53 5.50
C PHE D 83 25.00 18.50 4.38
N ALA D 84 23.82 18.13 3.90
CA ALA D 84 23.72 17.13 2.85
C ALA D 84 22.34 17.26 2.24
N THR D 85 21.98 16.32 1.35
CA THR D 85 20.62 16.22 0.83
C THR D 85 19.86 15.13 1.60
N TYR D 86 18.58 15.32 1.81
CA TYR D 86 17.78 14.33 2.54
C TYR D 86 16.55 13.88 1.75
N TYR D 87 16.25 12.59 1.85
CA TYR D 87 15.18 12.01 1.08
C TYR D 87 14.27 11.22 1.98
N CYS D 88 12.98 11.26 1.69
CA CYS D 88 12.09 10.28 2.31
C CYS D 88 11.82 9.21 1.29
N VAL D 89 11.70 7.97 1.75
CA VAL D 89 11.28 6.90 0.85
C VAL D 89 10.16 6.18 1.55
N GLN D 90 9.21 5.73 0.76
CA GLN D 90 7.97 5.17 1.26
C GLN D 90 7.95 3.68 0.92
N TYR D 91 7.60 2.82 1.87
CA TYR D 91 7.39 1.40 1.52
C TYR D 91 6.05 0.89 2.05
N SER D 92 5.04 1.72 2.00
CA SER D 92 3.72 1.25 2.35
C SER D 92 3.10 0.43 1.19
N GLN D 93 3.36 0.86 -0.05
CA GLN D 93 2.76 0.19 -1.19
C GLN D 93 3.74 0.02 -2.35
N PHE D 94 3.40 -0.90 -3.23
CA PHE D 94 4.26 -1.21 -4.36
C PHE D 94 4.06 -0.18 -5.47
N PRO D 95 5.15 0.35 -6.05
CA PRO D 95 6.55 0.15 -5.68
C PRO D 95 7.00 1.17 -4.65
N PRO D 96 8.10 0.89 -3.92
CA PRO D 96 8.62 1.99 -3.12
C PRO D 96 8.97 3.18 -4.00
N THR D 97 8.68 4.35 -3.48
CA THR D 97 8.96 5.58 -4.22
C THR D 97 9.73 6.52 -3.32
N PHE D 98 10.40 7.49 -3.94
CA PHE D 98 11.30 8.40 -3.26
C PHE D 98 10.84 9.83 -3.46
N GLY D 99 11.07 10.65 -2.44
CA GLY D 99 10.85 12.08 -2.56
C GLY D 99 12.00 12.62 -3.36
N GLN D 100 11.93 13.88 -3.74
CA GLN D 100 12.89 14.41 -4.72
C GLN D 100 14.05 15.07 -4.01
N GLY D 101 14.01 15.08 -2.68
CA GLY D 101 15.11 15.63 -1.91
C GLY D 101 14.97 17.04 -1.36
N THR D 102 15.51 17.20 -0.17
CA THR D 102 15.69 18.50 0.44
C THR D 102 17.17 18.74 0.67
N LYS D 103 17.78 19.62 -0.12
CA LYS D 103 19.18 19.92 0.09
C LYS D 103 19.34 20.88 1.28
N LEU D 104 20.23 20.55 2.21
CA LEU D 104 20.41 21.37 3.38
C LEU D 104 21.80 22.02 3.31
N GLU D 105 21.82 23.31 2.96
CA GLU D 105 23.08 24.03 2.71
C GLU D 105 23.51 25.00 3.81
N ILE D 106 24.67 25.64 3.62
CA ILE D 106 25.22 26.52 4.65
C ILE D 106 24.83 27.98 4.40
N LYS D 107 24.39 28.66 5.47
CA LYS D 107 24.03 30.07 5.40
C LYS D 107 25.24 30.94 5.67
N ARG D 108 25.46 31.91 4.77
CA ARG D 108 26.54 32.91 4.88
C ARG D 108 25.99 34.24 4.38
N THR D 109 26.82 35.29 4.42
CA THR D 109 26.34 36.64 4.22
C THR D 109 26.41 37.17 2.79
N VAL D 110 25.47 36.75 1.95
CA VAL D 110 25.38 37.15 0.54
C VAL D 110 26.75 37.16 -0.13
N ALA D 111 27.30 38.35 -0.39
CA ALA D 111 28.53 38.53 -1.17
C ALA D 111 28.26 38.24 -2.66
N ALA D 112 28.62 39.21 -3.51
CA ALA D 112 28.20 39.23 -4.91
C ALA D 112 29.20 38.54 -5.83
N PRO D 113 28.74 38.13 -7.04
CA PRO D 113 29.64 37.47 -7.97
C PRO D 113 30.62 38.42 -8.69
N SER D 114 31.85 37.99 -8.85
CA SER D 114 32.80 38.68 -9.73
C SER D 114 32.72 38.05 -11.12
N VAL D 115 32.47 38.86 -12.14
CA VAL D 115 32.24 38.31 -13.47
C VAL D 115 33.47 38.44 -14.36
N PHE D 116 33.67 37.43 -15.21
CA PHE D 116 34.78 37.38 -16.13
C PHE D 116 34.31 36.71 -17.42
N ILE D 117 34.63 37.31 -18.58
CA ILE D 117 34.27 36.69 -19.85
C ILE D 117 35.56 36.36 -20.63
N PHE D 118 35.46 35.36 -21.50
CA PHE D 118 36.59 34.92 -22.31
C PHE D 118 36.13 34.68 -23.74
N PRO D 119 36.77 35.34 -24.70
CA PRO D 119 36.46 35.03 -26.10
C PRO D 119 37.03 33.66 -26.44
N PRO D 120 36.64 33.06 -27.57
CA PRO D 120 37.27 31.80 -27.95
C PRO D 120 38.77 31.96 -28.16
N SER D 121 39.53 30.92 -27.81
CA SER D 121 40.96 30.89 -28.13
C SER D 121 41.10 30.81 -29.65
N ASP D 122 42.29 31.10 -30.16
CA ASP D 122 42.43 31.24 -31.61
C ASP D 122 42.58 29.90 -32.35
N GLU D 123 43.05 28.87 -31.66
CA GLU D 123 43.14 27.56 -32.32
C GLU D 123 41.76 26.94 -32.55
N GLN D 124 40.82 27.23 -31.64
CA GLN D 124 39.47 26.66 -31.73
C GLN D 124 38.83 26.98 -33.07
N LEU D 125 38.83 28.27 -33.41
CA LEU D 125 38.09 28.78 -34.55
C LEU D 125 38.56 28.23 -35.89
N LYS D 126 39.80 27.76 -35.93
CA LYS D 126 40.30 27.05 -37.11
C LYS D 126 39.37 25.90 -37.43
N SER D 127 39.00 25.14 -36.41
CA SER D 127 38.04 24.06 -36.53
C SER D 127 36.63 24.61 -36.41
N GLY D 128 35.64 23.76 -36.70
CA GLY D 128 34.26 24.19 -36.89
C GLY D 128 33.62 25.18 -35.94
N THR D 129 33.87 25.05 -34.64
CA THR D 129 33.04 25.73 -33.66
C THR D 129 33.74 26.80 -32.82
N ALA D 130 32.95 27.79 -32.40
CA ALA D 130 33.43 28.86 -31.53
C ALA D 130 32.81 28.71 -30.15
N SER D 131 33.64 28.69 -29.12
CA SER D 131 33.14 28.52 -27.76
C SER D 131 33.49 29.70 -26.88
N VAL D 132 32.47 30.46 -26.45
CA VAL D 132 32.68 31.62 -25.59
C VAL D 132 32.20 31.31 -24.17
N VAL D 133 33.07 31.55 -23.19
CA VAL D 133 32.78 31.18 -21.81
C VAL D 133 32.67 32.38 -20.88
N CYS D 134 31.56 32.45 -20.15
CA CYS D 134 31.39 33.41 -19.09
C CYS D 134 31.50 32.72 -17.72
N LEU D 135 32.10 33.41 -16.76
CA LEU D 135 32.32 32.88 -15.43
C LEU D 135 31.74 33.84 -14.39
N LEU D 136 31.08 33.29 -13.37
CA LEU D 136 30.68 34.06 -12.18
C LEU D 136 31.32 33.43 -10.97
N ASN D 137 32.07 34.22 -10.21
CA ASN D 137 32.94 33.64 -9.22
C ASN D 137 32.57 34.04 -7.79
N ASN D 138 32.59 33.02 -6.92
CA ASN D 138 32.37 33.14 -5.48
C ASN D 138 31.19 34.02 -5.05
N PHE D 139 29.97 33.52 -5.28
CA PHE D 139 28.76 34.23 -4.87
C PHE D 139 27.84 33.44 -3.94
N TYR D 140 26.82 34.13 -3.44
CA TYR D 140 25.80 33.54 -2.58
C TYR D 140 24.59 34.47 -2.53
N PRO D 141 23.36 33.93 -2.47
CA PRO D 141 22.94 32.52 -2.56
C PRO D 141 23.06 31.95 -3.96
N ARG D 142 22.64 30.70 -4.13
CA ARG D 142 22.85 29.97 -5.37
C ARG D 142 22.14 30.60 -6.56
N GLU D 143 21.06 31.33 -6.32
CA GLU D 143 20.25 31.87 -7.40
C GLU D 143 20.99 32.95 -8.20
N ALA D 144 20.97 32.80 -9.53
CA ALA D 144 21.72 33.68 -10.42
C ALA D 144 21.24 33.52 -11.87
N LYS D 145 21.02 34.63 -12.57
CA LYS D 145 20.55 34.56 -13.96
C LYS D 145 21.58 35.06 -15.00
N VAL D 146 21.97 34.19 -15.92
CA VAL D 146 23.01 34.50 -16.90
C VAL D 146 22.41 34.59 -18.29
N GLN D 147 22.52 35.77 -18.89
CA GLN D 147 21.94 36.01 -20.21
C GLN D 147 22.97 36.58 -21.16
N TRP D 148 23.25 35.82 -22.22
CA TRP D 148 24.15 36.30 -23.26
C TRP D 148 23.39 37.27 -24.17
N LYS D 149 24.15 38.13 -24.85
CA LYS D 149 23.62 39.09 -25.80
C LYS D 149 24.63 39.33 -26.91
N VAL D 150 24.25 38.94 -28.13
CA VAL D 150 25.12 39.06 -29.29
C VAL D 150 24.63 40.20 -30.19
N ASP D 151 25.43 41.26 -30.29
CA ASP D 151 25.01 42.51 -30.92
C ASP D 151 23.70 42.96 -30.27
N ASN D 152 23.67 42.83 -28.95
CA ASN D 152 22.55 43.24 -28.10
C ASN D 152 21.27 42.44 -28.34
N ALA D 153 21.38 41.32 -29.05
CA ALA D 153 20.25 40.43 -29.27
C ALA D 153 20.27 39.25 -28.30
N LEU D 154 19.21 39.11 -27.49
CA LEU D 154 19.08 37.96 -26.58
C LEU D 154 18.96 36.66 -27.36
N GLN D 155 19.86 35.73 -27.09
CA GLN D 155 19.82 34.43 -27.75
C GLN D 155 19.37 33.33 -26.77
N SER D 156 18.83 32.25 -27.33
CA SER D 156 18.27 31.17 -26.56
C SER D 156 18.63 29.84 -27.17
N GLY D 157 18.97 28.87 -26.33
CA GLY D 157 19.05 27.48 -26.75
C GLY D 157 20.38 27.02 -27.30
N ASN D 158 21.46 27.69 -26.93
CA ASN D 158 22.78 27.20 -27.30
C ASN D 158 23.82 27.60 -26.28
N SER D 159 23.41 27.69 -25.02
CA SER D 159 24.37 27.83 -23.93
C SER D 159 24.14 26.72 -22.90
N GLN D 160 25.20 26.36 -22.18
CA GLN D 160 25.14 25.32 -21.15
C GLN D 160 25.69 25.86 -19.83
N GLU D 161 24.94 25.64 -18.75
CA GLU D 161 25.32 26.18 -17.45
C GLU D 161 26.01 25.11 -16.61
N SER D 162 26.69 25.48 -15.53
CA SER D 162 27.35 24.51 -14.66
C SER D 162 27.89 25.09 -13.35
N VAL D 163 27.34 24.67 -12.21
CA VAL D 163 27.66 25.29 -10.90
C VAL D 163 28.48 24.37 -9.98
N THR D 164 29.40 24.95 -9.19
CA THR D 164 30.21 24.18 -8.25
C THR D 164 29.41 23.88 -6.96
N GLU D 165 29.84 22.89 -6.19
CA GLU D 165 29.28 22.69 -4.86
C GLU D 165 29.72 23.84 -3.97
N GLN D 166 29.22 23.86 -2.74
CA GLN D 166 29.50 24.96 -1.85
C GLN D 166 30.94 24.89 -1.40
N ASP D 167 31.73 25.91 -1.73
CA ASP D 167 33.16 25.91 -1.43
C ASP D 167 33.41 25.64 0.05
N SER D 168 34.52 24.98 0.36
CA SER D 168 34.82 24.50 1.71
C SER D 168 35.29 25.63 2.63
N LYS D 169 35.82 26.69 2.01
CA LYS D 169 36.22 27.91 2.71
C LYS D 169 35.06 28.93 2.70
N ASP D 170 34.82 29.49 1.53
CA ASP D 170 33.86 30.57 1.30
C ASP D 170 32.41 30.26 1.65
N SER D 171 32.03 28.98 1.52
CA SER D 171 30.63 28.58 1.44
C SER D 171 29.92 29.30 0.30
N THR D 172 30.67 29.72 -0.72
CA THR D 172 30.06 30.34 -1.89
C THR D 172 29.94 29.37 -3.06
N TYR D 173 29.52 29.90 -4.20
CA TYR D 173 29.38 29.13 -5.42
C TYR D 173 30.15 29.74 -6.56
N SER D 174 30.23 29.04 -7.67
CA SER D 174 30.85 29.56 -8.88
C SER D 174 30.13 28.98 -10.08
N LEU D 175 30.11 29.72 -11.18
CA LEU D 175 29.26 29.33 -12.29
C LEU D 175 29.94 29.48 -13.66
N SER D 176 29.65 28.56 -14.57
CA SER D 176 30.23 28.54 -15.91
C SER D 176 29.16 28.33 -16.99
N SER D 177 28.70 29.42 -17.59
CA SER D 177 27.84 29.32 -18.77
C SER D 177 28.64 29.50 -20.04
N THR D 178 28.65 28.47 -20.88
CA THR D 178 29.38 28.53 -22.13
C THR D 178 28.41 28.60 -23.30
N LEU D 179 28.63 29.57 -24.19
CA LEU D 179 27.84 29.74 -25.41
C LEU D 179 28.63 29.20 -26.60
N THR D 180 28.04 28.25 -27.33
CA THR D 180 28.77 27.60 -28.42
C THR D 180 28.07 27.74 -29.77
N LEU D 181 28.88 28.05 -30.78
CA LEU D 181 28.42 28.38 -32.13
C LEU D 181 29.48 27.94 -33.16
N SER D 182 29.04 27.72 -34.41
CA SER D 182 29.99 27.46 -35.50
C SER D 182 30.76 28.75 -35.81
N LYS D 183 31.95 28.63 -36.39
CA LYS D 183 32.77 29.82 -36.69
C LYS D 183 32.03 30.79 -37.62
N ALA D 184 31.28 30.23 -38.56
CA ALA D 184 30.48 31.03 -39.50
C ALA D 184 29.37 31.81 -38.81
N ASP D 185 28.59 31.12 -37.99
CA ASP D 185 27.52 31.76 -37.25
C ASP D 185 28.10 32.71 -36.20
N TYR D 186 29.37 32.50 -35.88
CA TYR D 186 30.06 33.24 -34.81
C TYR D 186 30.41 34.65 -35.21
N GLU D 187 30.69 34.87 -36.49
CA GLU D 187 31.12 36.17 -36.97
C GLU D 187 29.94 37.03 -37.46
N LYS D 188 29.40 37.81 -36.53
CA LYS D 188 28.50 38.92 -36.82
C LYS D 188 29.21 40.29 -36.63
N HIS D 189 29.89 40.62 -35.51
CA HIS D 189 29.90 39.94 -34.21
C HIS D 189 30.31 40.84 -33.01
N LYS D 190 31.61 41.06 -32.89
CA LYS D 190 32.35 41.17 -31.61
C LYS D 190 31.64 41.67 -30.33
N VAL D 191 30.62 42.53 -30.41
CA VAL D 191 29.96 42.91 -29.17
C VAL D 191 29.22 41.67 -28.62
N TYR D 192 29.86 41.07 -27.62
CA TYR D 192 29.39 39.82 -27.00
C TYR D 192 29.25 40.01 -25.51
N ALA D 193 28.02 40.21 -25.04
CA ALA D 193 27.77 40.51 -23.64
C ALA D 193 27.52 39.26 -22.80
N CYS D 194 27.86 39.34 -21.51
CA CYS D 194 27.43 38.35 -20.55
C CYS D 194 26.69 39.07 -19.41
N GLU D 195 25.39 39.26 -19.58
CA GLU D 195 24.58 39.97 -18.59
C GLU D 195 24.18 39.06 -17.44
N VAL D 196 24.54 39.43 -16.21
CA VAL D 196 24.22 38.61 -15.05
C VAL D 196 23.40 39.40 -14.03
N THR D 197 22.31 38.78 -13.57
CA THR D 197 21.49 39.33 -12.51
C THR D 197 21.74 38.55 -11.22
N HIS D 198 21.75 39.24 -10.10
CA HIS D 198 21.94 38.58 -8.81
C HIS D 198 21.45 39.45 -7.67
N GLN D 199 21.21 38.81 -6.53
CA GLN D 199 20.67 39.47 -5.33
C GLN D 199 21.61 40.48 -4.67
N GLY D 200 22.92 40.21 -4.72
CA GLY D 200 23.91 41.12 -4.18
C GLY D 200 24.38 42.19 -5.16
N LEU D 201 23.77 42.21 -6.34
CA LEU D 201 24.01 43.25 -7.35
C LEU D 201 22.87 44.25 -7.38
N SER D 202 23.21 45.54 -7.29
CA SER D 202 22.24 46.63 -7.43
C SER D 202 21.58 46.58 -8.81
N SER D 203 22.37 46.19 -9.80
CA SER D 203 21.92 46.19 -11.19
C SER D 203 22.69 45.16 -12.01
N PRO D 204 22.02 44.58 -13.02
CA PRO D 204 22.65 43.60 -13.93
C PRO D 204 24.01 44.06 -14.46
N VAL D 205 25.07 43.54 -13.85
CA VAL D 205 26.41 43.74 -14.36
C VAL D 205 26.57 43.01 -15.69
N THR D 206 27.24 43.67 -16.63
CA THR D 206 27.47 43.10 -17.95
C THR D 206 28.95 43.11 -18.25
N LYS D 207 29.43 42.04 -18.88
CA LYS D 207 30.79 41.99 -19.39
C LYS D 207 30.72 41.66 -20.88
N SER D 208 31.52 42.38 -21.66
CA SER D 208 31.55 42.19 -23.11
C SER D 208 33.00 42.24 -23.60
N PHE D 209 33.21 41.97 -24.88
CA PHE D 209 34.54 42.12 -25.47
C PHE D 209 34.47 42.48 -26.95
#